data_5DNK
#
_entry.id   5DNK
#
_cell.length_a   98.016
_cell.length_b   62.127
_cell.length_c   107.392
_cell.angle_alpha   90.00
_cell.angle_beta   100.88
_cell.angle_gamma   90.00
#
_symmetry.space_group_name_H-M   'P 1 21 1'
#
loop_
_entity.id
_entity.type
_entity.pdbx_description
1 polymer 'protein lysine methyltransferase 1'
2 non-polymer S-ADENOSYL-L-HOMOCYSTEINE
3 water water
#
_entity_poly.entity_id   1
_entity_poly.type   'polypeptide(L)'
_entity_poly.pdbx_seq_one_letter_code
;GMSLKSTTSSLTTNNHDKTINSVQSLVNGTGTVADHNPYDEVPYESYPYAITNPYHLSTLATLFGINAPEVENSKILELG
CAAGGNLIPHAVLYPNAHFVGVDLSKVQIDEANKNVRALGLKNIEFHHCSITDIDDSFGKFDYIICHGVISWVPKIVRDK
IFKVCNRNLSTNGIAYISYNTLPGWNMVRTIRDMMLYHSSSFTNIRDRIAQSRLLLEFVKDSLEHSKTPYAEVLKTEAGL
LAKQTDHYLRHDHLEEENAQFYFHEFMNEARKHNLQYLADCNISTMYLGNMPPKVVEQLKAVNDIVRTEQYMDFITNRRF
RTTLLCHNDLKINRNINNDDIKKFNIIFNVIPEKPLKEVDLNNATENLQFFLNGNKESNLSTTSPYMKAILYTFSENLNN
PLSFKQVTSEANTKLNNTKLNEIKNELLNNAMKLVLQGYISITNQKHRSKPVLDKPKTTQMVIYQAKYTPSMWVTNLKHE
PIGVNFFEKFALRYMDGRNDKKAIIEAILGHVEKGELTLSREGQKIENKEEIRKELESLFTPMIEKFCSNALLV
;
_entity_poly.pdbx_strand_id   A,B
#
# COMPACT_ATOMS: atom_id res chain seq x y z
N GLU A 45 20.97 -21.61 -9.92
CA GLU A 45 21.05 -21.69 -8.47
C GLU A 45 19.76 -22.28 -7.91
N SER A 46 19.83 -23.50 -7.36
CA SER A 46 18.64 -24.19 -6.87
C SER A 46 18.72 -24.33 -5.35
N TYR A 47 17.85 -23.47 -4.59
CA TYR A 47 17.95 -23.48 -3.13
C TYR A 47 17.00 -24.51 -2.53
N PRO A 48 17.39 -25.08 -1.39
CA PRO A 48 16.41 -25.78 -0.55
C PRO A 48 15.55 -24.77 0.20
N TYR A 49 14.29 -25.13 0.42
CA TYR A 49 13.40 -24.29 1.22
C TYR A 49 13.01 -25.08 2.47
N ALA A 50 13.54 -24.68 3.63
CA ALA A 50 13.33 -25.48 4.83
C ALA A 50 11.85 -25.60 5.16
N ILE A 51 11.06 -24.61 4.75
CA ILE A 51 9.66 -24.63 5.14
C ILE A 51 8.86 -25.71 4.41
N THR A 52 9.42 -26.30 3.35
CA THR A 52 8.82 -27.38 2.58
C THR A 52 9.27 -28.75 3.05
N ASN A 53 10.15 -28.79 4.02
CA ASN A 53 10.70 -30.04 4.53
C ASN A 53 9.55 -30.99 4.90
N PRO A 54 9.51 -32.18 4.34
CA PRO A 54 8.42 -33.10 4.71
C PRO A 54 8.36 -33.38 6.20
N TYR A 55 9.48 -33.33 6.93
CA TYR A 55 9.35 -33.52 8.38
C TYR A 55 8.64 -32.33 9.02
N HIS A 56 8.71 -31.15 8.41
CA HIS A 56 7.96 -30.01 8.92
C HIS A 56 6.48 -30.17 8.64
N LEU A 57 6.12 -30.61 7.43
CA LEU A 57 4.73 -30.92 7.14
C LEU A 57 4.19 -31.96 8.11
N SER A 58 4.97 -33.00 8.39
CA SER A 58 4.54 -34.06 9.30
C SER A 58 4.37 -33.51 10.72
N THR A 59 5.28 -32.67 11.17
CA THR A 59 5.14 -32.05 12.48
C THR A 59 3.85 -31.25 12.58
N LEU A 60 3.55 -30.45 11.56
CA LEU A 60 2.33 -29.65 11.64
C LEU A 60 1.08 -30.54 11.58
N ALA A 61 1.12 -31.60 10.77
CA ALA A 61 0.04 -32.59 10.79
C ALA A 61 -0.19 -33.14 12.18
N THR A 62 0.89 -33.52 12.88
CA THR A 62 0.77 -34.06 14.22
C THR A 62 0.20 -33.05 15.20
N LEU A 63 0.65 -31.79 15.12
CA LEU A 63 0.09 -30.75 15.97
C LEU A 63 -1.43 -30.71 15.87
N PHE A 64 -1.97 -30.92 14.66
CA PHE A 64 -3.39 -30.81 14.37
C PHE A 64 -4.12 -32.15 14.39
N GLY A 65 -3.48 -33.22 14.82
CA GLY A 65 -4.16 -34.47 15.08
C GLY A 65 -4.13 -35.44 13.93
N ILE A 66 -3.37 -35.15 12.90
CA ILE A 66 -3.22 -36.01 11.75
C ILE A 66 -1.95 -36.84 11.88
N ASN A 67 -2.03 -38.11 11.52
CA ASN A 67 -0.85 -38.96 11.51
C ASN A 67 -0.37 -39.05 10.07
N ALA A 68 0.68 -38.29 9.75
CA ALA A 68 1.17 -38.23 8.39
C ALA A 68 2.16 -39.36 8.17
N PRO A 69 2.47 -39.72 6.92
CA PRO A 69 3.26 -40.93 6.71
C PRO A 69 4.68 -40.75 7.19
N GLU A 70 5.27 -41.88 7.59
CA GLU A 70 6.65 -41.86 8.03
C GLU A 70 7.55 -41.34 6.90
N VAL A 71 8.39 -40.35 7.22
CA VAL A 71 9.17 -39.68 6.18
C VAL A 71 10.18 -40.63 5.54
N GLU A 72 10.86 -41.44 6.37
CA GLU A 72 12.00 -42.23 5.88
C GLU A 72 11.65 -43.24 4.77
N ASN A 73 10.45 -43.82 4.75
CA ASN A 73 10.03 -44.68 3.64
C ASN A 73 8.99 -44.06 2.70
N SER A 74 8.70 -42.77 2.82
N SER A 74 8.74 -42.76 2.79
CA SER A 74 7.58 -42.19 2.08
CA SER A 74 7.64 -42.13 2.07
C SER A 74 7.90 -42.01 0.59
C SER A 74 7.91 -42.06 0.56
N LYS A 75 6.88 -41.57 -0.14
CA LYS A 75 6.99 -41.15 -1.53
C LYS A 75 6.62 -39.67 -1.64
N ILE A 76 7.51 -38.92 -2.31
CA ILE A 76 7.54 -37.46 -2.29
C ILE A 76 7.54 -36.98 -3.72
N LEU A 77 6.65 -36.04 -4.02
CA LEU A 77 6.53 -35.46 -5.35
C LEU A 77 6.75 -33.97 -5.24
N GLU A 78 7.64 -33.40 -6.05
CA GLU A 78 7.73 -31.95 -6.16
C GLU A 78 7.29 -31.48 -7.55
N LEU A 79 6.33 -30.59 -7.59
CA LEU A 79 5.82 -30.00 -8.81
C LEU A 79 6.61 -28.71 -9.10
N GLY A 80 7.05 -28.55 -10.33
CA GLY A 80 7.89 -27.40 -10.68
C GLY A 80 9.18 -27.37 -9.89
N CYS A 81 9.91 -28.49 -9.86
CA CYS A 81 11.10 -28.68 -9.04
C CYS A 81 12.33 -27.95 -9.57
N ALA A 82 12.30 -27.37 -10.77
CA ALA A 82 13.45 -26.66 -11.36
C ALA A 82 14.64 -27.62 -11.31
N ALA A 83 15.79 -27.22 -10.78
CA ALA A 83 17.01 -28.02 -10.83
C ALA A 83 17.15 -28.99 -9.66
N GLY A 84 16.13 -29.10 -8.82
CA GLY A 84 16.08 -30.18 -7.84
C GLY A 84 16.77 -29.91 -6.53
N GLY A 85 17.30 -28.71 -6.30
CA GLY A 85 17.95 -28.39 -5.05
C GLY A 85 17.04 -28.46 -3.84
N ASN A 86 15.72 -28.49 -4.04
CA ASN A 86 14.76 -28.62 -2.95
C ASN A 86 14.38 -30.07 -2.67
N LEU A 87 14.87 -31.00 -3.46
CA LEU A 87 14.47 -32.41 -3.46
C LEU A 87 15.66 -33.33 -3.21
N ILE A 88 16.71 -33.19 -4.00
CA ILE A 88 17.94 -34.00 -3.89
C ILE A 88 18.47 -34.17 -2.47
N PRO A 89 18.59 -33.12 -1.64
CA PRO A 89 19.12 -33.37 -0.28
C PRO A 89 18.29 -34.39 0.51
N HIS A 90 16.96 -34.40 0.33
CA HIS A 90 16.14 -35.43 0.98
C HIS A 90 16.45 -36.82 0.43
N ALA A 91 16.64 -36.93 -0.89
CA ALA A 91 16.99 -38.25 -1.44
C ALA A 91 18.29 -38.76 -0.82
N VAL A 92 19.24 -37.85 -0.57
CA VAL A 92 20.49 -38.23 0.11
C VAL A 92 20.20 -38.71 1.54
N LEU A 93 19.36 -37.98 2.27
CA LEU A 93 19.10 -38.34 3.66
C LEU A 93 18.30 -39.62 3.82
N TYR A 94 17.42 -39.96 2.87
CA TYR A 94 16.43 -41.02 3.04
C TYR A 94 16.54 -42.07 1.95
N PRO A 95 17.55 -42.94 2.03
CA PRO A 95 17.74 -43.93 0.95
C PRO A 95 16.55 -44.85 0.74
N ASN A 96 15.65 -44.99 1.72
CA ASN A 96 14.50 -45.88 1.61
C ASN A 96 13.22 -45.16 1.18
N ALA A 97 13.29 -43.88 0.90
CA ALA A 97 12.18 -43.07 0.41
C ALA A 97 12.39 -42.87 -1.09
N HIS A 98 11.28 -42.66 -1.81
CA HIS A 98 11.37 -42.41 -3.25
C HIS A 98 10.92 -40.98 -3.57
N PHE A 99 11.59 -40.36 -4.52
CA PHE A 99 11.41 -38.95 -4.83
C PHE A 99 11.18 -38.73 -6.31
N VAL A 100 10.21 -37.88 -6.66
CA VAL A 100 9.87 -37.56 -8.04
C VAL A 100 9.77 -36.05 -8.21
N GLY A 101 10.61 -35.47 -9.07
CA GLY A 101 10.43 -34.10 -9.53
C GLY A 101 9.84 -34.00 -10.93
N VAL A 102 9.10 -32.92 -11.19
CA VAL A 102 8.54 -32.67 -12.51
C VAL A 102 8.78 -31.20 -12.86
N ASP A 103 9.34 -30.94 -14.04
CA ASP A 103 9.48 -29.53 -14.42
C ASP A 103 9.44 -29.40 -15.93
N LEU A 104 8.90 -28.27 -16.39
CA LEU A 104 8.74 -27.99 -17.80
C LEU A 104 10.06 -27.63 -18.48
N SER A 105 11.06 -27.22 -17.71
CA SER A 105 12.31 -26.70 -18.28
C SER A 105 13.31 -27.82 -18.46
N LYS A 106 13.68 -28.09 -19.72
CA LYS A 106 14.66 -29.15 -20.00
C LYS A 106 16.03 -28.83 -19.40
N VAL A 107 16.45 -27.56 -19.47
CA VAL A 107 17.75 -27.17 -18.92
C VAL A 107 17.82 -27.46 -17.41
N GLN A 108 16.75 -27.12 -16.68
CA GLN A 108 16.74 -27.37 -15.24
C GLN A 108 16.74 -28.86 -14.95
N ILE A 109 15.92 -29.63 -15.68
CA ILE A 109 15.84 -31.06 -15.40
C ILE A 109 17.15 -31.73 -15.73
N ASP A 110 17.83 -31.28 -16.78
CA ASP A 110 19.15 -31.80 -17.11
C ASP A 110 20.14 -31.53 -15.97
N GLU A 111 20.10 -30.32 -15.41
CA GLU A 111 20.97 -30.02 -14.26
C GLU A 111 20.66 -30.92 -13.08
N ALA A 112 19.36 -31.07 -12.75
CA ALA A 112 18.96 -31.98 -11.67
C ALA A 112 19.52 -33.39 -11.90
N ASN A 113 19.34 -33.94 -13.10
CA ASN A 113 19.85 -35.29 -13.37
C ASN A 113 21.36 -35.37 -13.31
N LYS A 114 22.05 -34.32 -13.76
CA LYS A 114 23.50 -34.28 -13.58
C LYS A 114 23.88 -34.36 -12.10
N ASN A 115 23.12 -33.69 -11.24
CA ASN A 115 23.50 -33.72 -9.82
C ASN A 115 23.12 -35.05 -9.16
N VAL A 116 21.99 -35.64 -9.55
CA VAL A 116 21.65 -36.99 -9.10
C VAL A 116 22.75 -37.97 -9.48
N ARG A 117 23.19 -37.93 -10.74
CA ARG A 117 24.26 -38.81 -11.16
C ARG A 117 25.54 -38.51 -10.40
N ALA A 118 25.87 -37.24 -10.22
CA ALA A 118 27.08 -36.87 -9.49
C ALA A 118 27.06 -37.45 -8.09
N LEU A 119 25.91 -37.41 -7.42
CA LEU A 119 25.73 -37.96 -6.09
C LEU A 119 25.52 -39.48 -6.06
N GLY A 120 25.28 -40.09 -7.21
CA GLY A 120 25.04 -41.53 -7.29
C GLY A 120 23.78 -42.04 -6.61
N LEU A 121 22.71 -41.25 -6.61
CA LEU A 121 21.45 -41.64 -5.96
C LEU A 121 20.60 -42.52 -6.86
N LYS A 122 20.04 -43.57 -6.28
CA LYS A 122 19.13 -44.47 -7.01
C LYS A 122 17.66 -44.26 -6.70
N ASN A 123 17.30 -43.38 -5.75
CA ASN A 123 15.94 -43.24 -5.28
C ASN A 123 15.20 -42.02 -5.82
N ILE A 124 15.73 -41.33 -6.81
CA ILE A 124 15.10 -40.07 -7.22
C ILE A 124 15.04 -39.98 -8.75
N GLU A 125 13.88 -39.58 -9.27
CA GLU A 125 13.62 -39.39 -10.69
C GLU A 125 13.24 -37.94 -10.96
N PHE A 126 13.76 -37.39 -12.05
CA PHE A 126 13.41 -36.05 -12.53
C PHE A 126 12.85 -36.17 -13.93
N HIS A 127 11.65 -35.64 -14.15
CA HIS A 127 10.92 -35.79 -15.41
C HIS A 127 10.78 -34.44 -16.08
N HIS A 128 11.13 -34.38 -17.36
CA HIS A 128 10.87 -33.17 -18.11
C HIS A 128 9.51 -33.37 -18.76
N CYS A 129 8.50 -32.72 -18.19
CA CYS A 129 7.13 -32.81 -18.69
C CYS A 129 6.35 -31.75 -17.94
N SER A 130 5.10 -31.57 -18.36
CA SER A 130 4.20 -30.65 -17.69
C SER A 130 3.51 -31.34 -16.52
N ILE A 131 3.09 -30.53 -15.56
CA ILE A 131 2.16 -31.00 -14.54
C ILE A 131 0.89 -31.58 -15.16
N THR A 132 0.49 -31.07 -16.33
CA THR A 132 -0.70 -31.64 -16.98
C THR A 132 -0.48 -33.05 -17.50
N ASP A 133 0.76 -33.53 -17.56
CA ASP A 133 1.02 -34.91 -17.96
C ASP A 133 0.90 -35.89 -16.81
N ILE A 134 0.85 -35.42 -15.57
CA ILE A 134 0.69 -36.32 -14.44
C ILE A 134 -0.68 -37.00 -14.52
N ASP A 135 -0.71 -38.31 -14.32
CA ASP A 135 -1.97 -39.03 -14.29
C ASP A 135 -1.89 -40.08 -13.17
N ASP A 136 -2.90 -40.96 -13.12
CA ASP A 136 -2.94 -41.98 -12.06
C ASP A 136 -1.76 -42.95 -12.12
N SER A 137 -1.12 -43.09 -13.29
CA SER A 137 0.03 -43.98 -13.39
C SER A 137 1.21 -43.55 -12.53
N PHE A 138 1.31 -42.25 -12.19
CA PHE A 138 2.38 -41.77 -11.33
C PHE A 138 2.28 -42.29 -9.91
N GLY A 139 1.13 -42.84 -9.53
CA GLY A 139 0.94 -43.32 -8.18
C GLY A 139 0.59 -42.21 -7.21
N LYS A 140 0.48 -42.62 -5.95
CA LYS A 140 0.15 -41.74 -4.85
C LYS A 140 1.40 -41.36 -4.07
N PHE A 141 1.39 -40.15 -3.55
CA PHE A 141 2.54 -39.60 -2.87
C PHE A 141 2.09 -39.18 -1.48
N ASP A 142 2.96 -39.42 -0.50
CA ASP A 142 2.67 -39.05 0.88
C ASP A 142 2.90 -37.58 1.14
N TYR A 143 3.81 -36.96 0.37
CA TYR A 143 3.96 -35.51 0.46
C TYR A 143 4.08 -34.94 -0.93
N ILE A 144 3.35 -33.85 -1.20
CA ILE A 144 3.42 -33.20 -2.50
C ILE A 144 3.79 -31.74 -2.27
N ILE A 145 4.88 -31.28 -2.89
CA ILE A 145 5.42 -29.95 -2.64
C ILE A 145 5.32 -29.15 -3.93
N CYS A 146 4.59 -28.04 -3.88
CA CYS A 146 4.53 -27.11 -4.99
C CYS A 146 4.84 -25.71 -4.46
N HIS A 147 6.02 -25.19 -4.77
CA HIS A 147 6.54 -23.97 -4.15
C HIS A 147 6.81 -22.93 -5.22
N GLY A 148 6.12 -21.80 -5.12
CA GLY A 148 6.38 -20.71 -6.06
C GLY A 148 6.00 -21.03 -7.49
N VAL A 149 5.04 -21.91 -7.69
CA VAL A 149 4.60 -22.35 -9.02
C VAL A 149 3.21 -21.82 -9.36
N ILE A 150 2.21 -22.14 -8.54
CA ILE A 150 0.81 -22.02 -8.96
C ILE A 150 0.41 -20.58 -9.27
N SER A 151 1.05 -19.59 -8.65
CA SER A 151 0.67 -18.21 -8.96
C SER A 151 1.02 -17.83 -10.39
N TRP A 152 1.99 -18.52 -10.99
CA TRP A 152 2.59 -18.14 -12.26
C TRP A 152 2.11 -18.94 -13.46
N VAL A 153 1.15 -19.85 -13.32
CA VAL A 153 0.79 -20.75 -14.42
C VAL A 153 -0.64 -20.47 -14.84
N PRO A 154 -1.01 -20.86 -16.06
CA PRO A 154 -2.39 -20.60 -16.52
C PRO A 154 -3.42 -21.38 -15.71
N LYS A 155 -4.67 -20.92 -15.84
CA LYS A 155 -5.79 -21.49 -15.10
C LYS A 155 -5.86 -23.02 -15.23
N ILE A 156 -5.68 -23.53 -16.45
CA ILE A 156 -5.78 -24.98 -16.65
C ILE A 156 -4.72 -25.72 -15.83
N VAL A 157 -3.51 -25.16 -15.76
CA VAL A 157 -2.46 -25.81 -14.97
C VAL A 157 -2.76 -25.69 -13.47
N ARG A 158 -3.32 -24.56 -13.03
CA ARG A 158 -3.70 -24.45 -11.62
C ARG A 158 -4.74 -25.51 -11.25
N ASP A 159 -5.81 -25.63 -12.08
CA ASP A 159 -6.79 -26.70 -11.88
C ASP A 159 -6.09 -28.04 -11.72
N LYS A 160 -5.12 -28.32 -12.58
CA LYS A 160 -4.46 -29.61 -12.54
C LYS A 160 -3.64 -29.78 -11.24
N ILE A 161 -3.03 -28.71 -10.75
CA ILE A 161 -2.29 -28.84 -9.49
C ILE A 161 -3.23 -29.25 -8.37
N PHE A 162 -4.39 -28.60 -8.26
CA PHE A 162 -5.35 -29.03 -7.22
C PHE A 162 -5.78 -30.50 -7.43
N LYS A 163 -5.99 -30.87 -8.69
CA LYS A 163 -6.44 -32.23 -9.01
C LYS A 163 -5.39 -33.26 -8.60
N VAL A 164 -4.13 -33.01 -8.93
CA VAL A 164 -3.06 -33.91 -8.52
C VAL A 164 -2.97 -34.01 -7.01
N CYS A 165 -3.06 -32.85 -6.32
CA CYS A 165 -2.97 -32.86 -4.85
C CYS A 165 -4.13 -33.59 -4.18
N ASN A 166 -5.20 -33.88 -4.93
CA ASN A 166 -6.25 -34.79 -4.47
C ASN A 166 -5.99 -36.22 -4.94
N ARG A 167 -5.97 -36.43 -6.26
CA ARG A 167 -5.93 -37.78 -6.82
C ARG A 167 -4.62 -38.52 -6.55
N ASN A 168 -3.50 -37.82 -6.52
CA ASN A 168 -2.20 -38.44 -6.32
C ASN A 168 -1.72 -38.37 -4.87
N LEU A 169 -2.56 -37.92 -3.95
CA LEU A 169 -2.17 -37.77 -2.54
C LEU A 169 -2.66 -38.96 -1.73
N SER A 170 -1.75 -39.58 -0.96
CA SER A 170 -2.11 -40.68 -0.07
C SER A 170 -3.15 -40.25 0.97
N THR A 171 -3.81 -41.23 1.57
CA THR A 171 -4.92 -40.99 2.48
C THR A 171 -4.56 -39.96 3.55
N ASN A 172 -3.45 -40.19 4.24
CA ASN A 172 -2.96 -39.30 5.29
C ASN A 172 -1.92 -38.28 4.80
N GLY A 173 -1.71 -38.18 3.49
CA GLY A 173 -0.65 -37.33 2.96
C GLY A 173 -0.92 -35.82 3.11
N ILE A 174 0.14 -35.03 2.92
CA ILE A 174 0.08 -33.57 3.08
C ILE A 174 0.53 -32.90 1.78
N ALA A 175 -0.27 -31.96 1.27
CA ALA A 175 0.15 -31.16 0.12
C ALA A 175 0.49 -29.73 0.56
N TYR A 176 1.58 -29.22 0.00
CA TYR A 176 2.06 -27.87 0.27
C TYR A 176 1.94 -27.10 -1.04
N ILE A 177 1.32 -25.92 -0.98
CA ILE A 177 1.21 -25.03 -2.14
C ILE A 177 1.45 -23.63 -1.65
N SER A 178 2.45 -22.93 -2.21
CA SER A 178 2.67 -21.54 -1.84
C SER A 178 2.34 -20.59 -2.99
N TYR A 179 1.86 -19.39 -2.66
CA TYR A 179 1.38 -18.48 -3.69
C TYR A 179 1.43 -17.03 -3.17
N ASN A 180 1.52 -16.09 -4.09
CA ASN A 180 1.37 -14.69 -3.75
C ASN A 180 -0.11 -14.38 -3.48
N THR A 181 -0.36 -13.41 -2.61
CA THR A 181 -1.73 -13.11 -2.22
C THR A 181 -1.98 -11.61 -2.29
N LEU A 182 -3.21 -11.27 -2.64
CA LEU A 182 -3.73 -9.95 -2.36
C LEU A 182 -4.12 -9.88 -0.89
N PRO A 183 -4.16 -8.66 -0.31
CA PRO A 183 -3.76 -7.35 -0.82
C PRO A 183 -2.26 -7.07 -0.92
N GLY A 184 -1.42 -7.86 -0.23
CA GLY A 184 0.00 -7.53 -0.19
C GLY A 184 0.69 -7.47 -1.54
N TRP A 185 0.21 -8.24 -2.52
CA TRP A 185 0.87 -8.28 -3.83
C TRP A 185 0.65 -7.01 -4.64
N ASN A 186 -0.33 -6.17 -4.28
CA ASN A 186 -0.57 -4.94 -5.04
C ASN A 186 0.72 -4.14 -5.26
N MET A 187 1.46 -3.89 -4.18
CA MET A 187 2.69 -3.11 -4.29
C MET A 187 3.66 -3.74 -5.29
N VAL A 188 3.84 -5.06 -5.21
CA VAL A 188 4.80 -5.72 -6.09
C VAL A 188 4.36 -5.53 -7.53
N ARG A 189 3.07 -5.75 -7.79
CA ARG A 189 2.56 -5.57 -9.15
C ARG A 189 2.79 -4.15 -9.62
N THR A 190 2.56 -3.19 -8.72
CA THR A 190 2.73 -1.79 -9.12
C THR A 190 4.15 -1.55 -9.59
N ILE A 191 5.13 -2.04 -8.84
CA ILE A 191 6.51 -1.76 -9.23
C ILE A 191 6.80 -2.41 -10.57
N ARG A 192 6.28 -3.61 -10.79
CA ARG A 192 6.51 -4.27 -12.06
C ARG A 192 5.88 -3.46 -13.18
N ASP A 193 4.64 -2.98 -12.96
CA ASP A 193 4.00 -2.14 -13.96
C ASP A 193 4.87 -0.93 -14.25
N MET A 194 5.46 -0.35 -13.19
CA MET A 194 6.30 0.82 -13.38
C MET A 194 7.51 0.46 -14.24
N MET A 195 8.17 -0.66 -13.92
CA MET A 195 9.40 -0.98 -14.62
C MET A 195 9.12 -1.20 -16.10
N LEU A 196 8.15 -2.07 -16.41
CA LEU A 196 7.73 -2.29 -17.79
C LEU A 196 7.37 -0.99 -18.49
N TYR A 197 6.60 -0.12 -17.81
CA TYR A 197 6.24 1.12 -18.48
C TYR A 197 7.49 1.95 -18.75
N HIS A 198 8.33 2.12 -17.73
CA HIS A 198 9.35 3.14 -17.86
C HIS A 198 10.57 2.64 -18.62
N SER A 199 10.85 1.35 -18.59
CA SER A 199 11.63 0.82 -19.69
C SER A 199 10.62 0.12 -20.59
N SER A 200 10.20 0.82 -21.63
CA SER A 200 9.97 0.23 -22.93
C SER A 200 11.01 0.97 -23.78
N SER A 201 12.09 0.26 -24.07
CA SER A 201 13.11 0.71 -24.99
C SER A 201 13.41 -0.54 -25.79
N PHE A 202 13.16 -0.49 -27.09
CA PHE A 202 12.97 -1.72 -27.83
C PHE A 202 14.20 -2.62 -27.74
N THR A 203 13.92 -3.92 -27.71
CA THR A 203 14.70 -4.95 -28.39
C THR A 203 15.87 -5.55 -27.60
N ASN A 204 16.28 -5.00 -26.46
CA ASN A 204 17.49 -5.47 -25.80
C ASN A 204 17.21 -5.86 -24.36
N ILE A 205 17.35 -7.15 -24.06
CA ILE A 205 17.01 -7.65 -22.73
C ILE A 205 17.99 -7.14 -21.69
N ARG A 206 19.30 -7.20 -21.99
CA ARG A 206 20.29 -6.68 -21.06
C ARG A 206 20.18 -5.16 -20.91
N ASP A 207 19.95 -4.45 -22.02
CA ASP A 207 19.80 -3.00 -21.95
C ASP A 207 18.53 -2.63 -21.18
N ARG A 208 17.45 -3.38 -21.41
CA ARG A 208 16.23 -3.18 -20.63
C ARG A 208 16.50 -3.40 -19.14
N ILE A 209 17.33 -4.40 -18.81
CA ILE A 209 17.72 -4.61 -17.42
C ILE A 209 18.42 -3.36 -16.87
N ALA A 210 19.39 -2.83 -17.63
CA ALA A 210 20.12 -1.66 -17.17
C ALA A 210 19.19 -0.47 -16.98
N GLN A 211 18.20 -0.32 -17.87
CA GLN A 211 17.21 0.75 -17.71
C GLN A 211 16.34 0.52 -16.49
N SER A 212 16.02 -0.73 -16.16
CA SER A 212 15.19 -0.99 -14.99
C SER A 212 15.96 -0.73 -13.70
N ARG A 213 17.26 -1.06 -13.69
CA ARG A 213 18.10 -0.75 -12.54
C ARG A 213 18.21 0.76 -12.35
N LEU A 214 18.60 1.46 -13.43
CA LEU A 214 18.62 2.92 -13.42
C LEU A 214 17.31 3.47 -12.90
N LEU A 215 16.18 2.91 -13.34
CA LEU A 215 14.89 3.35 -12.88
C LEU A 215 14.78 3.20 -11.36
N LEU A 216 15.14 2.03 -10.84
CA LEU A 216 14.94 1.77 -9.41
C LEU A 216 15.78 2.70 -8.55
N GLU A 217 17.03 2.93 -8.95
CA GLU A 217 17.85 3.89 -8.22
C GLU A 217 17.27 5.29 -8.34
N PHE A 218 16.73 5.63 -9.52
CA PHE A 218 16.09 6.94 -9.70
C PHE A 218 14.90 7.11 -8.76
N VAL A 219 14.13 6.04 -8.55
CA VAL A 219 13.09 6.04 -7.53
C VAL A 219 13.68 6.38 -6.16
N LYS A 220 14.70 5.61 -5.75
CA LYS A 220 15.32 5.85 -4.44
C LYS A 220 15.78 7.28 -4.30
N ASP A 221 16.33 7.86 -5.36
CA ASP A 221 16.74 9.26 -5.36
C ASP A 221 15.54 10.19 -5.19
N SER A 222 14.41 9.85 -5.81
CA SER A 222 13.25 10.75 -5.81
C SER A 222 12.60 10.83 -4.44
N LEU A 223 12.63 9.75 -3.67
CA LEU A 223 11.93 9.66 -2.40
C LEU A 223 12.81 9.97 -1.19
N GLU A 224 14.07 10.35 -1.41
CA GLU A 224 15.04 10.48 -0.33
C GLU A 224 14.48 11.26 0.87
N HIS A 225 14.18 12.53 0.66
CA HIS A 225 13.77 13.37 1.78
C HIS A 225 12.30 13.19 2.14
N SER A 226 11.47 12.74 1.20
CA SER A 226 10.04 12.64 1.46
C SER A 226 9.75 11.61 2.56
N LYS A 227 9.01 12.03 3.57
CA LYS A 227 8.78 11.24 4.78
C LYS A 227 7.47 10.47 4.78
N THR A 228 6.65 10.60 3.73
CA THR A 228 5.35 9.95 3.74
C THR A 228 5.51 8.44 3.83
N PRO A 229 4.54 7.73 4.42
CA PRO A 229 4.71 6.29 4.59
C PRO A 229 4.78 5.51 3.29
N TYR A 230 3.98 5.89 2.29
CA TYR A 230 4.04 5.20 1.01
C TYR A 230 5.44 5.28 0.42
N ALA A 231 6.07 6.45 0.54
CA ALA A 231 7.43 6.60 0.03
C ALA A 231 8.37 5.62 0.71
N GLU A 232 8.15 5.32 2.00
CA GLU A 232 9.04 4.41 2.70
C GLU A 232 8.82 2.96 2.26
N VAL A 233 7.56 2.53 2.19
CA VAL A 233 7.25 1.18 1.71
C VAL A 233 7.83 0.99 0.31
N LEU A 234 7.55 1.94 -0.58
CA LEU A 234 8.06 1.87 -1.94
C LEU A 234 9.58 1.82 -1.96
N LYS A 235 10.22 2.66 -1.14
CA LYS A 235 11.68 2.75 -1.10
C LYS A 235 12.30 1.41 -0.79
N THR A 236 11.81 0.73 0.26
CA THR A 236 12.42 -0.55 0.60
C THR A 236 12.07 -1.62 -0.41
N GLU A 237 10.88 -1.55 -1.02
CA GLU A 237 10.55 -2.54 -2.04
C GLU A 237 11.49 -2.42 -3.24
N ALA A 238 11.64 -1.21 -3.78
CA ALA A 238 12.61 -1.01 -4.84
C ALA A 238 14.02 -1.33 -4.39
N GLY A 239 14.31 -1.25 -3.09
CA GLY A 239 15.62 -1.65 -2.59
C GLY A 239 15.85 -3.14 -2.72
N LEU A 240 14.88 -3.94 -2.25
CA LEU A 240 14.90 -5.38 -2.51
C LEU A 240 15.11 -5.67 -3.98
N LEU A 241 14.33 -5.00 -4.83
CA LEU A 241 14.37 -5.29 -6.26
C LEU A 241 15.73 -4.97 -6.86
N ALA A 242 16.30 -3.83 -6.48
CA ALA A 242 17.65 -3.52 -6.94
C ALA A 242 18.66 -4.56 -6.45
N LYS A 243 18.41 -5.13 -5.27
CA LYS A 243 19.36 -6.11 -4.72
C LYS A 243 19.44 -7.38 -5.56
N GLN A 244 18.38 -7.74 -6.27
CA GLN A 244 18.32 -9.05 -6.90
C GLN A 244 19.24 -9.12 -8.11
N THR A 245 19.28 -10.30 -8.75
CA THR A 245 20.11 -10.51 -9.93
C THR A 245 19.25 -10.30 -11.18
N ASP A 246 19.90 -10.39 -12.34
CA ASP A 246 19.31 -9.92 -13.58
C ASP A 246 18.12 -10.77 -14.03
N HIS A 247 18.06 -12.03 -13.62
CA HIS A 247 17.03 -12.92 -14.14
C HIS A 247 15.66 -12.65 -13.55
N TYR A 248 15.58 -11.99 -12.39
CA TYR A 248 14.26 -11.58 -11.87
C TYR A 248 13.77 -10.30 -12.50
N LEU A 249 14.65 -9.48 -13.08
CA LEU A 249 14.30 -8.19 -13.66
C LEU A 249 14.07 -8.24 -15.16
N ARG A 250 14.28 -9.38 -15.82
CA ARG A 250 14.13 -9.43 -17.27
C ARG A 250 12.66 -9.22 -17.64
N HIS A 251 12.42 -8.37 -18.63
CA HIS A 251 11.06 -7.89 -18.86
C HIS A 251 10.10 -9.03 -19.14
N ASP A 252 10.58 -10.13 -19.75
CA ASP A 252 9.68 -11.24 -19.99
C ASP A 252 9.18 -11.86 -18.69
N HIS A 253 9.99 -11.87 -17.62
CA HIS A 253 9.42 -12.29 -16.33
C HIS A 253 8.49 -11.22 -15.76
N LEU A 254 8.84 -9.93 -15.91
CA LEU A 254 7.98 -8.88 -15.38
C LEU A 254 6.60 -8.89 -16.04
N GLU A 255 6.52 -9.29 -17.32
CA GLU A 255 5.26 -9.31 -18.05
C GLU A 255 4.36 -10.48 -17.66
N GLU A 256 4.88 -11.47 -16.96
CA GLU A 256 4.06 -12.64 -16.64
C GLU A 256 2.94 -12.26 -15.69
N GLU A 257 1.76 -12.83 -15.94
CA GLU A 257 0.60 -12.56 -15.12
C GLU A 257 0.66 -13.38 -13.83
N ASN A 258 0.38 -12.72 -12.71
CA ASN A 258 0.16 -13.43 -11.46
C ASN A 258 -1.33 -13.72 -11.27
N ALA A 259 -1.64 -14.89 -10.70
CA ALA A 259 -3.03 -15.23 -10.46
C ALA A 259 -3.68 -14.32 -9.41
N GLN A 260 -2.89 -13.76 -8.49
CA GLN A 260 -3.38 -12.74 -7.54
C GLN A 260 -4.52 -13.26 -6.66
N PHE A 261 -4.35 -14.45 -6.11
CA PHE A 261 -5.36 -15.04 -5.22
C PHE A 261 -5.58 -14.19 -3.99
N TYR A 262 -6.84 -14.01 -3.61
CA TYR A 262 -7.15 -13.88 -2.20
C TYR A 262 -7.19 -15.29 -1.57
N PHE A 263 -6.95 -15.37 -0.26
CA PHE A 263 -6.98 -16.68 0.38
C PHE A 263 -8.32 -17.37 0.20
N HIS A 264 -9.44 -16.62 0.30
CA HIS A 264 -10.73 -17.29 0.19
C HIS A 264 -10.96 -17.83 -1.22
N GLU A 265 -10.31 -17.23 -2.23
CA GLU A 265 -10.45 -17.70 -3.61
C GLU A 265 -9.58 -18.93 -3.84
N PHE A 266 -8.37 -18.90 -3.29
CA PHE A 266 -7.54 -20.10 -3.27
C PHE A 266 -8.29 -21.27 -2.61
N MET A 267 -8.88 -21.02 -1.46
CA MET A 267 -9.56 -22.10 -0.75
C MET A 267 -10.81 -22.58 -1.49
N ASN A 268 -11.51 -21.66 -2.19
CA ASN A 268 -12.61 -22.07 -3.07
C ASN A 268 -12.15 -23.08 -4.12
N GLU A 269 -10.99 -22.81 -4.75
CA GLU A 269 -10.47 -23.75 -5.73
C GLU A 269 -10.08 -25.08 -5.09
N ALA A 270 -9.38 -25.04 -3.93
CA ALA A 270 -9.00 -26.29 -3.26
C ALA A 270 -10.23 -27.12 -2.88
N ARG A 271 -11.28 -26.44 -2.41
CA ARG A 271 -12.47 -27.14 -1.94
C ARG A 271 -13.17 -27.83 -3.09
N LYS A 272 -13.15 -27.24 -4.29
CA LYS A 272 -13.63 -27.91 -5.49
C LYS A 272 -13.03 -29.32 -5.65
N HIS A 273 -11.77 -29.48 -5.25
CA HIS A 273 -11.05 -30.75 -5.33
C HIS A 273 -11.08 -31.54 -4.03
N ASN A 274 -11.91 -31.12 -3.07
CA ASN A 274 -12.14 -31.85 -1.82
C ASN A 274 -10.88 -31.87 -0.95
N LEU A 275 -10.18 -30.75 -0.97
CA LEU A 275 -9.05 -30.53 -0.09
C LEU A 275 -9.46 -29.50 0.95
N GLN A 276 -9.07 -29.74 2.18
CA GLN A 276 -9.33 -28.81 3.26
C GLN A 276 -8.01 -28.18 3.72
N TYR A 277 -8.15 -26.98 4.28
CA TYR A 277 -7.03 -26.23 4.84
C TYR A 277 -6.55 -26.88 6.13
N LEU A 278 -5.27 -27.21 6.17
CA LEU A 278 -4.66 -27.71 7.38
C LEU A 278 -4.11 -26.54 8.19
N ALA A 279 -3.15 -25.82 7.61
CA ALA A 279 -2.40 -24.81 8.34
C ALA A 279 -1.47 -24.10 7.37
N ASP A 280 -0.98 -22.95 7.81
CA ASP A 280 0.13 -22.27 7.13
C ASP A 280 1.42 -22.82 7.71
N CYS A 281 2.42 -22.96 6.85
CA CYS A 281 3.69 -23.49 7.32
C CYS A 281 4.42 -22.57 8.29
N ASN A 282 4.13 -21.25 8.28
CA ASN A 282 4.61 -20.38 9.35
C ASN A 282 3.42 -20.20 10.28
N ILE A 283 3.44 -20.92 11.40
CA ILE A 283 2.21 -20.97 12.19
C ILE A 283 2.01 -19.67 12.94
N SER A 284 3.08 -18.89 13.13
CA SER A 284 2.95 -17.59 13.75
C SER A 284 2.05 -16.65 12.96
N THR A 285 1.89 -16.89 11.65
CA THR A 285 0.95 -16.11 10.85
C THR A 285 -0.49 -16.39 11.25
N MET A 286 -0.75 -17.49 11.94
CA MET A 286 -2.09 -17.86 12.38
C MET A 286 -2.41 -17.33 13.79
N TYR A 287 -1.45 -16.70 14.46
CA TYR A 287 -1.60 -16.38 15.88
C TYR A 287 -2.47 -15.14 16.06
N LEU A 288 -3.54 -15.26 16.86
CA LEU A 288 -4.42 -14.15 17.19
C LEU A 288 -4.15 -13.47 18.54
N GLY A 289 -3.19 -13.95 19.33
CA GLY A 289 -3.07 -13.49 20.71
C GLY A 289 -2.54 -12.07 20.89
N ASN A 290 -2.11 -11.43 19.81
CA ASN A 290 -1.59 -10.06 19.86
C ASN A 290 -2.66 -9.02 19.57
N MET A 291 -3.92 -9.42 19.47
CA MET A 291 -5.07 -8.61 19.13
C MET A 291 -5.98 -8.44 20.35
N PRO A 292 -6.76 -7.36 20.39
CA PRO A 292 -7.58 -7.10 21.59
C PRO A 292 -8.52 -8.24 21.89
N PRO A 293 -8.70 -8.58 23.18
CA PRO A 293 -9.51 -9.76 23.53
C PRO A 293 -10.90 -9.79 22.92
N LYS A 294 -11.62 -8.67 22.86
CA LYS A 294 -12.97 -8.67 22.29
C LYS A 294 -12.95 -9.05 20.81
N VAL A 295 -11.95 -8.55 20.08
CA VAL A 295 -11.77 -8.94 18.68
C VAL A 295 -11.51 -10.45 18.57
N VAL A 296 -10.58 -10.95 19.38
CA VAL A 296 -10.27 -12.38 19.38
C VAL A 296 -11.53 -13.20 19.67
N GLU A 297 -12.39 -12.70 20.56
CA GLU A 297 -13.63 -13.40 20.86
C GLU A 297 -14.55 -13.45 19.64
N GLN A 298 -14.71 -12.33 18.92
CA GLN A 298 -15.57 -12.35 17.75
C GLN A 298 -15.02 -13.30 16.68
N LEU A 299 -13.71 -13.21 16.40
CA LEU A 299 -13.10 -14.13 15.44
C LEU A 299 -13.35 -15.58 15.83
N LYS A 300 -13.05 -15.94 17.08
CA LYS A 300 -13.35 -17.28 17.56
C LYS A 300 -14.82 -17.63 17.39
N ALA A 301 -15.71 -16.65 17.55
CA ALA A 301 -17.14 -16.93 17.49
C ALA A 301 -17.56 -17.34 16.08
N VAL A 302 -16.98 -16.73 15.03
CA VAL A 302 -17.49 -17.07 13.70
C VAL A 302 -17.20 -18.52 13.30
N ASN A 303 -16.19 -19.16 13.90
CA ASN A 303 -15.96 -20.60 13.75
C ASN A 303 -15.77 -21.02 12.30
N ASP A 304 -15.20 -20.13 11.49
CA ASP A 304 -14.84 -20.45 10.11
C ASP A 304 -13.38 -20.05 9.95
N ILE A 305 -12.50 -21.05 9.78
CA ILE A 305 -11.08 -20.72 9.81
C ILE A 305 -10.69 -19.98 8.54
N VAL A 306 -11.36 -20.26 7.42
CA VAL A 306 -10.98 -19.60 6.18
C VAL A 306 -11.39 -18.14 6.20
N ARG A 307 -12.51 -17.81 6.86
CA ARG A 307 -12.95 -16.43 6.97
C ARG A 307 -12.05 -15.65 7.92
N THR A 308 -11.70 -16.27 9.05
CA THR A 308 -10.81 -15.65 10.01
C THR A 308 -9.44 -15.36 9.39
N GLU A 309 -8.93 -16.33 8.64
CA GLU A 309 -7.66 -16.15 7.94
C GLU A 309 -7.74 -15.03 6.93
N GLN A 310 -8.83 -14.99 6.16
CA GLN A 310 -8.98 -13.90 5.21
C GLN A 310 -8.99 -12.54 5.91
N TYR A 311 -9.75 -12.42 7.00
CA TYR A 311 -9.80 -11.15 7.70
C TYR A 311 -8.40 -10.72 8.10
N MET A 312 -7.63 -11.65 8.69
CA MET A 312 -6.25 -11.32 9.05
C MET A 312 -5.43 -10.90 7.83
N ASP A 313 -5.66 -11.53 6.67
CA ASP A 313 -4.94 -11.11 5.48
C ASP A 313 -5.26 -9.65 5.13
N PHE A 314 -6.54 -9.28 5.22
CA PHE A 314 -6.91 -7.89 4.91
C PHE A 314 -6.23 -6.92 5.89
N ILE A 315 -6.22 -7.23 7.17
CA ILE A 315 -5.73 -6.21 8.09
C ILE A 315 -4.20 -6.22 8.22
N THR A 316 -3.53 -7.30 7.82
CA THR A 316 -2.05 -7.38 7.84
C THR A 316 -1.38 -7.18 6.48
N ASN A 317 -2.14 -6.93 5.40
CA ASN A 317 -1.57 -6.76 4.05
C ASN A 317 -0.76 -7.99 3.61
N ARG A 318 -1.34 -9.18 3.78
CA ARG A 318 -0.63 -10.43 3.54
C ARG A 318 -0.19 -10.53 2.08
N ARG A 319 1.13 -10.72 1.83
CA ARG A 319 1.57 -10.88 0.44
C ARG A 319 1.94 -12.29 0.00
N PHE A 320 2.07 -13.27 0.91
CA PHE A 320 2.45 -14.61 0.46
C PHE A 320 1.88 -15.61 1.45
N ARG A 321 1.43 -16.77 0.93
CA ARG A 321 0.99 -17.84 1.82
C ARG A 321 1.70 -19.15 1.48
N THR A 322 2.03 -19.90 2.53
CA THR A 322 2.57 -21.26 2.35
C THR A 322 1.57 -22.21 2.99
N THR A 323 0.71 -22.81 2.18
CA THR A 323 -0.52 -23.42 2.67
C THR A 323 -0.34 -24.93 2.64
N LEU A 324 -0.76 -25.60 3.72
CA LEU A 324 -0.86 -27.05 3.75
C LEU A 324 -2.31 -27.43 3.60
N LEU A 325 -2.57 -28.43 2.75
CA LEU A 325 -3.87 -29.00 2.47
C LEU A 325 -3.82 -30.49 2.74
N CYS A 326 -5.00 -31.05 3.02
CA CYS A 326 -5.12 -32.50 3.18
C CYS A 326 -6.54 -32.90 2.76
N HIS A 327 -6.75 -34.21 2.60
CA HIS A 327 -8.07 -34.68 2.17
C HIS A 327 -9.14 -34.23 3.14
N ASN A 328 -10.30 -33.87 2.58
CA ASN A 328 -11.45 -33.36 3.31
C ASN A 328 -11.93 -34.29 4.42
N ASP A 329 -11.64 -35.58 4.33
CA ASP A 329 -12.26 -36.52 5.26
C ASP A 329 -11.43 -36.77 6.50
N LEU A 330 -10.26 -36.14 6.63
CA LEU A 330 -9.48 -36.22 7.86
C LEU A 330 -10.05 -35.27 8.90
N LYS A 331 -10.03 -35.72 10.16
CA LYS A 331 -10.60 -34.94 11.26
C LYS A 331 -9.48 -34.12 11.87
N ILE A 332 -9.52 -32.81 11.68
CA ILE A 332 -8.49 -31.91 12.15
C ILE A 332 -8.89 -31.39 13.52
N ASN A 333 -7.98 -31.52 14.49
CA ASN A 333 -8.23 -31.06 15.85
C ASN A 333 -7.49 -29.75 16.08
N ARG A 334 -8.24 -28.67 16.23
CA ARG A 334 -7.68 -27.35 16.42
C ARG A 334 -7.58 -26.93 17.88
N ASN A 335 -7.91 -27.81 18.82
CA ASN A 335 -7.77 -27.47 20.23
C ASN A 335 -6.36 -27.88 20.63
N ILE A 336 -5.49 -26.90 20.85
CA ILE A 336 -4.09 -27.13 21.15
C ILE A 336 -3.88 -26.77 22.61
N ASN A 337 -3.25 -27.67 23.37
CA ASN A 337 -3.04 -27.55 24.80
C ASN A 337 -1.57 -27.39 25.11
N ASN A 338 -1.28 -26.79 26.27
CA ASN A 338 0.10 -26.69 26.72
C ASN A 338 0.78 -28.07 26.69
N ASP A 339 0.11 -29.10 27.21
CA ASP A 339 0.78 -30.38 27.32
C ASP A 339 1.09 -31.01 25.97
N ASP A 340 0.51 -30.49 24.88
CA ASP A 340 0.86 -31.00 23.55
C ASP A 340 2.35 -30.84 23.26
N ILE A 341 3.05 -29.97 24.00
CA ILE A 341 4.48 -29.84 23.78
C ILE A 341 5.17 -31.18 23.97
N LYS A 342 4.62 -32.03 24.85
CA LYS A 342 5.24 -33.32 25.14
C LYS A 342 5.26 -34.24 23.92
N LYS A 343 4.48 -33.92 22.88
CA LYS A 343 4.43 -34.77 21.69
C LYS A 343 5.65 -34.59 20.80
N PHE A 344 6.42 -33.53 21.00
CA PHE A 344 7.39 -33.05 20.03
C PHE A 344 8.79 -32.99 20.61
N ASN A 345 9.79 -33.11 19.73
CA ASN A 345 11.10 -32.60 20.05
C ASN A 345 11.14 -31.10 19.75
N ILE A 346 12.06 -30.39 20.41
CA ILE A 346 11.98 -28.93 20.53
C ILE A 346 13.34 -28.34 20.20
N ILE A 347 13.34 -27.18 19.52
CA ILE A 347 14.54 -26.38 19.30
C ILE A 347 14.20 -24.93 19.63
N PHE A 348 15.06 -24.27 20.39
CA PHE A 348 14.91 -22.82 20.58
C PHE A 348 16.30 -22.24 20.43
N ASN A 349 16.57 -21.52 19.35
CA ASN A 349 17.96 -21.18 19.09
C ASN A 349 18.18 -19.84 19.77
N VAL A 350 18.85 -19.88 20.92
CA VAL A 350 19.06 -18.70 21.76
C VAL A 350 20.53 -18.67 22.09
N ILE A 351 21.10 -17.49 22.07
CA ILE A 351 22.49 -17.25 22.45
C ILE A 351 22.47 -16.39 23.72
N PRO A 352 22.98 -16.88 24.84
CA PRO A 352 22.97 -16.05 26.06
C PRO A 352 23.88 -14.87 25.91
N GLU A 353 23.48 -13.76 26.54
CA GLU A 353 24.38 -12.61 26.66
C GLU A 353 25.58 -12.97 27.51
N LYS A 354 25.36 -13.69 28.60
CA LYS A 354 26.46 -14.02 29.47
C LYS A 354 26.67 -15.52 29.54
N PRO A 355 27.92 -15.98 29.59
CA PRO A 355 28.18 -17.42 29.69
C PRO A 355 27.64 -17.97 30.99
N LEU A 356 27.18 -19.22 30.93
CA LEU A 356 26.62 -19.90 32.09
C LEU A 356 27.56 -19.84 33.28
N LYS A 357 28.86 -20.05 33.05
CA LYS A 357 29.81 -20.15 34.15
C LYS A 357 30.04 -18.83 34.86
N GLU A 358 29.55 -17.71 34.32
CA GLU A 358 29.67 -16.42 34.99
C GLU A 358 28.44 -16.00 35.78
N VAL A 359 27.37 -16.79 35.75
CA VAL A 359 26.13 -16.41 36.43
C VAL A 359 25.71 -17.49 37.40
N ASP A 360 24.97 -17.08 38.45
CA ASP A 360 24.29 -18.01 39.33
C ASP A 360 22.82 -18.04 38.93
N LEU A 361 22.39 -19.16 38.34
CA LEU A 361 21.02 -19.28 37.82
C LEU A 361 19.99 -19.29 38.95
N ASN A 362 20.35 -19.85 40.11
CA ASN A 362 19.43 -19.86 41.23
C ASN A 362 19.11 -18.46 41.75
N ASN A 363 19.84 -17.43 41.31
CA ASN A 363 19.48 -16.07 41.69
C ASN A 363 18.19 -15.68 41.00
N ALA A 364 17.17 -15.29 41.77
CA ALA A 364 15.88 -14.99 41.16
C ALA A 364 15.64 -13.50 40.85
N THR A 365 16.48 -12.58 41.32
CA THR A 365 16.24 -11.17 41.03
C THR A 365 17.11 -10.57 39.91
N GLU A 366 18.04 -11.33 39.33
CA GLU A 366 18.88 -10.83 38.26
C GLU A 366 18.26 -11.15 36.91
N ASN A 367 18.26 -10.17 36.02
CA ASN A 367 17.62 -10.26 34.72
C ASN A 367 18.66 -10.75 33.71
N LEU A 368 18.47 -11.95 33.19
CA LEU A 368 19.39 -12.45 32.16
C LEU A 368 18.78 -12.34 30.77
N GLN A 369 19.63 -12.00 29.80
CA GLN A 369 19.25 -11.68 28.44
C GLN A 369 19.64 -12.82 27.49
N PHE A 370 18.76 -13.11 26.52
CA PHE A 370 19.05 -14.12 25.51
C PHE A 370 18.67 -13.59 24.14
N PHE A 371 19.54 -13.80 23.16
CA PHE A 371 19.38 -13.28 21.79
C PHE A 371 18.94 -14.40 20.85
N LEU A 372 17.92 -14.15 20.03
CA LEU A 372 17.35 -15.20 19.20
C LEU A 372 17.85 -15.11 17.76
N ASN A 373 18.39 -16.23 17.24
CA ASN A 373 18.83 -16.42 15.84
C ASN A 373 19.57 -15.21 15.30
N GLY A 374 20.75 -14.94 15.84
CA GLY A 374 21.08 -13.55 16.07
C GLY A 374 22.01 -13.47 17.25
N ASN A 375 21.83 -12.39 18.01
CA ASN A 375 20.97 -11.31 17.55
C ASN A 375 21.48 -9.92 17.92
N LYS A 376 21.30 -9.73 19.23
CA LYS A 376 21.51 -8.53 20.04
C LYS A 376 20.43 -7.49 19.83
N GLU A 377 19.70 -7.54 18.71
CA GLU A 377 18.57 -6.64 18.51
C GLU A 377 17.27 -7.17 19.10
N SER A 378 17.00 -8.44 18.86
CA SER A 378 15.74 -9.08 19.23
C SER A 378 16.07 -10.10 20.32
N ASN A 379 15.47 -9.94 21.49
CA ASN A 379 15.88 -10.76 22.61
C ASN A 379 14.69 -11.06 23.50
N LEU A 380 14.95 -11.89 24.49
CA LEU A 380 13.99 -12.28 25.51
C LEU A 380 14.77 -12.35 26.81
N SER A 381 14.23 -11.72 27.86
CA SER A 381 14.91 -11.67 29.14
C SER A 381 14.04 -12.27 30.22
N THR A 382 14.68 -12.80 31.27
CA THR A 382 13.93 -13.39 32.36
C THR A 382 14.73 -13.31 33.65
N THR A 383 14.01 -13.16 34.76
CA THR A 383 14.59 -13.35 36.09
C THR A 383 14.37 -14.74 36.66
N SER A 384 13.53 -15.55 36.04
CA SER A 384 13.19 -16.87 36.61
C SER A 384 14.36 -17.84 36.51
N PRO A 385 14.84 -18.38 37.63
CA PRO A 385 15.86 -19.42 37.55
C PRO A 385 15.45 -20.61 36.70
N TYR A 386 14.18 -20.99 36.70
CA TYR A 386 13.78 -22.17 35.93
C TYR A 386 13.80 -21.89 34.44
N MET A 387 13.25 -20.73 34.04
CA MET A 387 13.34 -20.32 32.66
C MET A 387 14.79 -20.09 32.24
N LYS A 388 15.62 -19.57 33.15
CA LYS A 388 17.05 -19.43 32.86
C LYS A 388 17.68 -20.80 32.56
N ALA A 389 17.37 -21.79 33.39
CA ALA A 389 18.00 -23.10 33.19
C ALA A 389 17.51 -23.74 31.89
N ILE A 390 16.24 -23.54 31.56
CA ILE A 390 15.75 -24.04 30.28
C ILE A 390 16.45 -23.32 29.11
N LEU A 391 16.61 -21.99 29.23
CA LEU A 391 17.16 -21.23 28.11
C LEU A 391 18.63 -21.56 27.88
N TYR A 392 19.41 -21.70 28.96
CA TYR A 392 20.78 -22.14 28.76
C TYR A 392 20.84 -23.54 28.16
N THR A 393 19.89 -24.41 28.54
CA THR A 393 19.87 -25.76 27.98
C THR A 393 19.62 -25.73 26.47
N PHE A 394 18.62 -24.97 26.02
CA PHE A 394 18.43 -24.80 24.57
C PHE A 394 19.68 -24.21 23.90
N SER A 395 20.37 -23.26 24.57
CA SER A 395 21.53 -22.63 23.96
C SER A 395 22.68 -23.61 23.76
N GLU A 396 22.71 -24.71 24.52
CA GLU A 396 23.74 -25.72 24.31
C GLU A 396 23.38 -26.74 23.25
N ASN A 397 22.11 -26.80 22.86
CA ASN A 397 21.54 -27.74 21.90
C ASN A 397 21.19 -27.17 20.53
N LEU A 398 21.77 -26.03 20.14
CA LEU A 398 21.30 -25.30 18.97
C LEU A 398 21.09 -26.24 17.78
N ASN A 399 19.89 -26.11 17.17
CA ASN A 399 19.48 -26.85 15.98
C ASN A 399 19.58 -28.36 16.16
N ASN A 400 19.57 -28.84 17.40
CA ASN A 400 19.47 -30.28 17.65
C ASN A 400 18.25 -30.56 18.50
N PRO A 401 17.26 -31.28 17.97
CA PRO A 401 15.98 -31.43 18.68
C PRO A 401 16.14 -32.10 20.03
N LEU A 402 15.40 -31.60 21.01
CA LEU A 402 15.41 -32.10 22.38
C LEU A 402 13.99 -32.49 22.77
N SER A 403 13.84 -33.64 23.43
CA SER A 403 12.55 -34.03 23.99
C SER A 403 12.22 -33.20 25.25
N PHE A 404 10.94 -33.20 25.62
CA PHE A 404 10.53 -32.55 26.86
C PHE A 404 11.33 -33.09 28.05
N LYS A 405 11.45 -34.41 28.17
CA LYS A 405 12.24 -34.97 29.27
C LYS A 405 13.72 -34.57 29.19
N GLN A 406 14.27 -34.44 27.97
CA GLN A 406 15.67 -34.03 27.82
C GLN A 406 15.85 -32.58 28.25
N VAL A 407 14.99 -31.69 27.75
CA VAL A 407 15.10 -30.29 28.15
C VAL A 407 15.03 -30.16 29.66
N THR A 408 14.05 -30.82 30.29
CA THR A 408 13.80 -30.55 31.70
C THR A 408 14.85 -31.21 32.60
N SER A 409 15.32 -32.41 32.23
CA SER A 409 16.34 -33.04 33.10
C SER A 409 17.68 -32.33 32.98
N GLU A 410 18.07 -31.90 31.76
CA GLU A 410 19.32 -31.14 31.62
C GLU A 410 19.22 -29.77 32.30
N ALA A 411 18.07 -29.10 32.17
CA ALA A 411 17.87 -27.88 32.93
C ALA A 411 18.00 -28.13 34.43
N ASN A 412 17.48 -29.27 34.89
CA ASN A 412 17.56 -29.58 36.32
C ASN A 412 19.00 -29.74 36.80
N THR A 413 19.86 -30.34 35.97
CA THR A 413 21.25 -30.46 36.40
C THR A 413 21.88 -29.11 36.68
N LYS A 414 21.40 -28.04 36.04
CA LYS A 414 21.97 -26.72 36.30
C LYS A 414 21.50 -26.14 37.62
N LEU A 415 20.34 -26.59 38.10
CA LEU A 415 19.70 -26.20 39.37
C LEU A 415 19.99 -27.20 40.50
N ASN A 416 21.00 -28.05 40.35
CA ASN A 416 21.40 -29.03 41.37
C ASN A 416 20.40 -30.15 41.56
N ASN A 417 19.63 -30.44 40.51
CA ASN A 417 18.70 -31.55 40.47
C ASN A 417 17.65 -31.52 41.57
N THR A 418 17.39 -30.34 42.17
CA THR A 418 16.29 -30.25 43.14
C THR A 418 15.02 -29.62 42.56
N LYS A 419 15.07 -29.14 41.32
CA LYS A 419 14.02 -28.32 40.73
C LYS A 419 13.12 -29.02 39.69
N LEU A 420 13.19 -30.34 39.52
CA LEU A 420 12.55 -30.95 38.35
C LEU A 420 11.10 -30.49 38.16
N ASN A 421 10.29 -30.54 39.21
CA ASN A 421 8.86 -30.23 39.03
C ASN A 421 8.64 -28.76 38.65
N GLU A 422 9.38 -27.83 39.27
CA GLU A 422 9.25 -26.43 38.92
C GLU A 422 9.65 -26.17 37.46
N ILE A 423 10.70 -26.87 37.01
CA ILE A 423 11.18 -26.67 35.64
C ILE A 423 10.19 -27.23 34.64
N LYS A 424 9.67 -28.43 34.90
CA LYS A 424 8.62 -28.96 34.04
C LYS A 424 7.43 -28.01 33.99
N ASN A 425 7.05 -27.44 35.15
CA ASN A 425 5.93 -26.49 35.14
C ASN A 425 6.24 -25.25 34.30
N GLU A 426 7.47 -24.73 34.38
CA GLU A 426 7.83 -23.56 33.58
C GLU A 426 7.72 -23.86 32.09
N LEU A 427 8.35 -24.95 31.66
CA LEU A 427 8.32 -25.29 30.24
C LEU A 427 6.87 -25.53 29.78
N LEU A 428 6.12 -26.31 30.53
CA LEU A 428 4.70 -26.53 30.25
C LEU A 428 3.96 -25.21 30.02
N ASN A 429 4.19 -24.24 30.92
CA ASN A 429 3.38 -23.04 30.85
C ASN A 429 3.79 -22.07 29.75
N ASN A 430 5.08 -22.06 29.34
CA ASN A 430 5.47 -21.13 28.27
C ASN A 430 5.74 -21.71 26.89
N ALA A 431 5.84 -23.03 26.75
CA ALA A 431 6.45 -23.54 25.52
C ALA A 431 5.52 -23.43 24.34
N MET A 432 4.30 -23.96 24.47
CA MET A 432 3.42 -23.98 23.31
C MET A 432 3.01 -22.55 22.93
N LYS A 433 2.96 -21.64 23.89
CA LYS A 433 2.70 -20.23 23.57
C LYS A 433 3.81 -19.67 22.69
N LEU A 434 5.07 -19.96 23.03
CA LEU A 434 6.18 -19.52 22.18
C LEU A 434 6.19 -20.25 20.84
N VAL A 435 5.73 -21.49 20.80
CA VAL A 435 5.62 -22.20 19.52
C VAL A 435 4.63 -21.47 18.61
N LEU A 436 3.41 -21.24 19.12
CA LEU A 436 2.37 -20.62 18.30
C LEU A 436 2.76 -19.22 17.89
N GLN A 437 3.58 -18.54 18.68
CA GLN A 437 4.07 -17.22 18.29
C GLN A 437 5.27 -17.27 17.37
N GLY A 438 5.84 -18.44 17.11
CA GLY A 438 6.92 -18.53 16.16
C GLY A 438 8.34 -18.48 16.74
N TYR A 439 8.50 -18.37 18.05
CA TYR A 439 9.85 -18.33 18.64
C TYR A 439 10.48 -19.72 18.78
N ILE A 440 9.72 -20.72 19.22
CA ILE A 440 10.23 -22.08 19.42
C ILE A 440 9.79 -22.96 18.25
N SER A 441 10.68 -23.84 17.79
CA SER A 441 10.38 -24.80 16.74
C SER A 441 10.07 -26.16 17.35
N ILE A 442 8.99 -26.76 16.90
CA ILE A 442 8.68 -28.14 17.24
C ILE A 442 9.01 -28.98 16.02
N THR A 443 9.42 -30.22 16.27
CA THR A 443 9.70 -31.11 15.15
C THR A 443 9.43 -32.55 15.58
N ASN A 444 8.93 -33.37 14.63
CA ASN A 444 8.89 -34.84 14.79
C ASN A 444 10.26 -35.49 14.65
N GLN A 445 11.28 -34.75 14.19
CA GLN A 445 12.61 -35.33 14.03
C GLN A 445 13.22 -35.74 15.36
N LYS A 446 14.05 -36.78 15.31
CA LYS A 446 14.70 -37.29 16.51
C LYS A 446 15.89 -36.42 16.95
N HIS A 447 16.21 -36.50 18.25
CA HIS A 447 17.46 -35.94 18.75
C HIS A 447 18.63 -36.61 18.05
N ARG A 448 19.63 -35.84 17.64
CA ARG A 448 20.79 -36.40 16.95
C ARG A 448 21.93 -36.63 17.94
N SER A 449 22.63 -37.76 17.79
CA SER A 449 23.74 -38.01 18.70
C SER A 449 24.81 -36.95 18.52
N LYS A 450 25.52 -36.66 19.59
CA LYS A 450 26.47 -35.55 19.58
C LYS A 450 27.60 -35.79 18.58
N PRO A 451 27.89 -34.82 17.73
CA PRO A 451 29.05 -34.95 16.83
C PRO A 451 30.34 -35.05 17.63
N VAL A 452 31.20 -35.99 17.24
CA VAL A 452 32.54 -36.03 17.83
C VAL A 452 33.40 -35.04 17.07
N LEU A 453 33.89 -34.04 17.77
CA LEU A 453 34.64 -32.96 17.14
C LEU A 453 36.10 -33.33 16.95
N ASP A 454 36.51 -34.52 17.38
CA ASP A 454 37.88 -34.98 17.20
C ASP A 454 38.24 -35.06 15.72
N LYS A 455 37.45 -35.80 14.95
CA LYS A 455 37.66 -36.00 13.51
C LYS A 455 36.39 -35.55 12.80
N PRO A 456 36.16 -34.23 12.69
CA PRO A 456 34.84 -33.74 12.31
C PRO A 456 34.39 -34.29 10.97
N LYS A 457 33.12 -34.67 10.91
CA LYS A 457 32.55 -35.36 9.76
C LYS A 457 31.31 -34.59 9.33
N THR A 458 31.34 -33.97 8.16
CA THR A 458 30.11 -33.35 7.67
C THR A 458 29.29 -34.36 6.87
N THR A 459 28.13 -33.92 6.39
CA THR A 459 27.14 -34.76 5.69
C THR A 459 27.54 -35.02 4.24
N GLN A 460 26.90 -36.05 3.67
CA GLN A 460 27.14 -36.38 2.27
C GLN A 460 26.80 -35.23 1.34
N MET A 461 25.68 -34.56 1.58
CA MET A 461 25.29 -33.48 0.69
C MET A 461 26.28 -32.32 0.76
N VAL A 462 26.70 -31.91 1.96
CA VAL A 462 27.51 -30.70 1.95
C VAL A 462 28.94 -31.04 1.56
N ILE A 463 29.44 -32.26 1.83
CA ILE A 463 30.76 -32.56 1.29
C ILE A 463 30.73 -32.55 -0.24
N TYR A 464 29.63 -33.05 -0.85
CA TYR A 464 29.48 -32.87 -2.30
C TYR A 464 29.48 -31.39 -2.70
N GLN A 465 28.64 -30.57 -2.04
CA GLN A 465 28.56 -29.14 -2.39
C GLN A 465 29.91 -28.45 -2.23
N ALA A 466 30.61 -28.73 -1.14
CA ALA A 466 31.86 -28.02 -0.89
C ALA A 466 32.91 -28.40 -1.92
N LYS A 467 32.98 -29.70 -2.28
CA LYS A 467 34.04 -30.16 -3.18
C LYS A 467 33.75 -29.84 -4.63
N TYR A 468 32.54 -30.17 -5.06
CA TYR A 468 32.16 -30.21 -6.46
C TYR A 468 31.30 -29.03 -6.94
N THR A 469 30.93 -28.10 -6.08
CA THR A 469 29.97 -27.11 -6.54
C THR A 469 30.51 -25.70 -6.34
N PRO A 470 30.12 -24.75 -7.21
CA PRO A 470 30.62 -23.37 -7.08
C PRO A 470 30.04 -22.58 -5.92
N SER A 471 28.89 -22.98 -5.39
CA SER A 471 28.12 -22.11 -4.50
C SER A 471 28.82 -21.85 -3.18
N MET A 472 28.52 -20.70 -2.58
CA MET A 472 29.03 -20.24 -1.30
C MET A 472 28.10 -20.62 -0.14
N TRP A 473 27.18 -21.55 -0.36
CA TRP A 473 26.29 -22.02 0.67
C TRP A 473 26.17 -23.53 0.58
N VAL A 474 25.81 -24.16 1.70
CA VAL A 474 25.60 -25.62 1.72
C VAL A 474 24.25 -25.90 2.37
N THR A 475 23.74 -27.13 2.19
CA THR A 475 22.42 -27.51 2.70
C THR A 475 22.59 -28.37 3.93
N ASN A 476 22.09 -27.91 5.08
CA ASN A 476 22.36 -28.61 6.33
C ASN A 476 21.32 -29.72 6.55
N LEU A 477 21.42 -30.40 7.69
CA LEU A 477 20.59 -31.57 7.95
C LEU A 477 19.12 -31.21 8.09
N LYS A 478 18.82 -29.95 8.33
CA LYS A 478 17.46 -29.48 8.47
C LYS A 478 16.89 -28.93 7.17
N HIS A 479 17.61 -29.11 6.04
CA HIS A 479 17.21 -28.59 4.74
C HIS A 479 17.26 -27.06 4.68
N GLU A 480 18.17 -26.44 5.44
CA GLU A 480 18.41 -24.98 5.43
C GLU A 480 19.67 -24.66 4.66
N PRO A 481 19.65 -23.71 3.72
CA PRO A 481 20.93 -23.24 3.15
C PRO A 481 21.69 -22.40 4.16
N ILE A 482 22.98 -22.70 4.33
CA ILE A 482 23.87 -22.07 5.29
C ILE A 482 25.03 -21.47 4.52
N GLY A 483 25.17 -20.15 4.57
CA GLY A 483 26.26 -19.51 3.86
C GLY A 483 27.60 -19.92 4.45
N VAL A 484 28.61 -20.07 3.59
CA VAL A 484 29.98 -20.34 4.03
C VAL A 484 30.94 -19.41 3.30
N ASN A 485 32.01 -18.97 4.00
CA ASN A 485 33.09 -18.25 3.34
C ASN A 485 34.08 -19.25 2.75
N PHE A 486 35.16 -18.75 2.13
CA PHE A 486 36.09 -19.61 1.41
C PHE A 486 36.84 -20.57 2.34
N PHE A 487 37.28 -20.07 3.50
CA PHE A 487 37.93 -20.92 4.48
C PHE A 487 37.02 -22.05 4.95
N GLU A 488 35.76 -21.71 5.30
CA GLU A 488 34.81 -22.73 5.75
C GLU A 488 34.53 -23.76 4.66
N LYS A 489 34.38 -23.31 3.41
CA LYS A 489 34.07 -24.24 2.32
C LYS A 489 35.22 -25.21 2.09
N PHE A 490 36.44 -24.66 2.02
CA PHE A 490 37.63 -25.50 1.90
C PHE A 490 37.72 -26.50 3.07
N ALA A 491 37.54 -26.02 4.30
CA ALA A 491 37.57 -26.92 5.45
C ALA A 491 36.57 -28.05 5.31
N LEU A 492 35.33 -27.74 4.93
CA LEU A 492 34.29 -28.75 4.77
C LEU A 492 34.69 -29.83 3.77
N ARG A 493 35.43 -29.44 2.72
CA ARG A 493 35.89 -30.47 1.78
C ARG A 493 36.67 -31.58 2.47
N TYR A 494 37.35 -31.27 3.58
CA TYR A 494 38.23 -32.24 4.20
C TYR A 494 37.63 -32.95 5.39
N MET A 495 36.35 -32.74 5.72
CA MET A 495 35.84 -33.36 6.93
C MET A 495 35.09 -34.61 6.46
N ASP A 496 35.83 -35.71 6.39
CA ASP A 496 35.28 -37.00 5.98
C ASP A 496 35.07 -37.96 7.14
N GLY A 497 35.38 -37.55 8.37
CA GLY A 497 35.38 -38.47 9.48
C GLY A 497 36.65 -39.27 9.60
N ARG A 498 37.63 -39.01 8.73
CA ARG A 498 38.95 -39.63 8.79
C ARG A 498 40.01 -38.61 9.18
N ASN A 499 40.17 -37.56 8.38
CA ASN A 499 41.09 -36.49 8.70
C ASN A 499 40.84 -35.91 10.09
N ASP A 500 41.88 -35.88 10.90
CA ASP A 500 41.87 -35.17 12.17
C ASP A 500 42.17 -33.69 11.93
N LYS A 501 42.12 -32.92 13.02
CA LYS A 501 42.27 -31.47 12.91
C LYS A 501 43.60 -31.08 12.30
N LYS A 502 44.67 -31.77 12.66
CA LYS A 502 46.01 -31.47 12.10
C LYS A 502 46.02 -31.66 10.59
N ALA A 503 45.35 -32.70 10.09
CA ALA A 503 45.37 -32.98 8.67
C ALA A 503 44.47 -32.00 7.92
N ILE A 504 43.34 -31.63 8.51
CA ILE A 504 42.48 -30.63 7.91
C ILE A 504 43.22 -29.30 7.78
N ILE A 505 43.91 -28.89 8.85
CA ILE A 505 44.66 -27.65 8.80
C ILE A 505 45.79 -27.74 7.76
N GLU A 506 46.44 -28.89 7.65
CA GLU A 506 47.48 -29.02 6.62
C GLU A 506 46.90 -28.89 5.22
N ALA A 507 45.73 -29.50 4.96
CA ALA A 507 45.10 -29.36 3.65
C ALA A 507 44.79 -27.90 3.35
N ILE A 508 44.12 -27.20 4.28
CA ILE A 508 43.80 -25.79 4.02
C ILE A 508 45.07 -24.98 3.79
N LEU A 509 46.09 -25.20 4.63
CA LEU A 509 47.38 -24.54 4.43
C LEU A 509 47.90 -24.77 3.00
N GLY A 510 47.74 -26.00 2.49
CA GLY A 510 48.14 -26.26 1.12
C GLY A 510 47.44 -25.34 0.14
N HIS A 511 46.14 -25.11 0.34
CA HIS A 511 45.43 -24.18 -0.52
C HIS A 511 45.97 -22.75 -0.40
N VAL A 512 46.26 -22.30 0.83
CA VAL A 512 46.79 -20.94 0.99
C VAL A 512 48.11 -20.79 0.25
N GLU A 513 48.96 -21.83 0.29
CA GLU A 513 50.23 -21.76 -0.40
C GLU A 513 50.11 -21.98 -1.90
N LYS A 514 49.08 -22.70 -2.36
CA LYS A 514 48.86 -22.88 -3.79
C LYS A 514 48.29 -21.64 -4.46
N GLY A 515 47.91 -20.62 -3.68
CA GLY A 515 47.33 -19.40 -4.22
C GLY A 515 45.82 -19.36 -4.28
N GLU A 516 45.13 -20.41 -3.82
CA GLU A 516 43.67 -20.52 -3.94
C GLU A 516 42.92 -20.04 -2.71
N LEU A 517 43.61 -19.62 -1.65
CA LEU A 517 42.96 -19.02 -0.50
C LEU A 517 43.92 -18.00 0.08
N THR A 518 43.40 -16.85 0.51
CA THR A 518 44.24 -15.83 1.11
C THR A 518 43.64 -15.44 2.45
N LEU A 519 44.51 -15.15 3.41
CA LEU A 519 44.11 -14.80 4.77
C LEU A 519 44.56 -13.38 5.09
N SER A 520 43.63 -12.54 5.54
CA SER A 520 43.90 -11.17 5.91
C SER A 520 43.97 -11.04 7.43
N ARG A 521 44.96 -10.28 7.90
CA ARG A 521 45.32 -10.24 9.32
C ARG A 521 44.42 -9.48 10.32
N GLU A 522 43.85 -8.32 10.00
CA GLU A 522 43.74 -7.69 8.68
C GLU A 522 44.05 -6.19 8.80
N GLY A 523 44.24 -5.46 7.71
CA GLY A 523 44.07 -5.91 6.33
C GLY A 523 45.32 -6.27 5.55
N GLN A 524 46.40 -6.55 6.28
CA GLN A 524 47.63 -7.06 5.69
C GLN A 524 47.55 -8.57 5.57
N LYS A 525 48.06 -9.11 4.46
CA LYS A 525 48.06 -10.56 4.28
C LYS A 525 49.01 -11.23 5.27
N ILE A 526 48.71 -12.48 5.60
CA ILE A 526 49.59 -13.28 6.45
C ILE A 526 50.11 -14.42 5.56
N GLU A 527 51.38 -14.29 5.14
CA GLU A 527 51.95 -15.16 4.11
C GLU A 527 52.94 -16.22 4.58
N ASN A 528 53.41 -16.20 5.81
CA ASN A 528 54.50 -17.08 6.23
C ASN A 528 53.92 -18.42 6.66
N LYS A 529 54.59 -19.52 6.29
CA LYS A 529 54.05 -20.86 6.51
C LYS A 529 53.60 -21.06 7.95
N GLU A 530 54.53 -21.04 8.90
CA GLU A 530 54.10 -20.77 10.26
C GLU A 530 53.60 -19.33 10.31
N GLU A 531 52.67 -19.09 11.22
CA GLU A 531 51.76 -17.95 11.32
C GLU A 531 50.59 -18.06 10.35
N ILE A 532 50.70 -18.75 9.21
CA ILE A 532 49.42 -19.09 8.60
C ILE A 532 48.89 -20.33 9.28
N ARG A 533 49.78 -21.25 9.62
CA ARG A 533 49.35 -22.39 10.44
C ARG A 533 48.78 -21.91 11.76
N LYS A 534 49.48 -20.98 12.43
CA LYS A 534 48.94 -20.31 13.62
C LYS A 534 47.54 -19.74 13.38
N GLU A 535 47.37 -18.99 12.28
CA GLU A 535 46.08 -18.33 12.08
C GLU A 535 44.99 -19.35 11.82
N LEU A 536 45.26 -20.35 10.98
CA LEU A 536 44.31 -21.43 10.74
C LEU A 536 43.89 -22.10 12.05
N GLU A 537 44.87 -22.37 12.93
CA GLU A 537 44.52 -22.98 14.21
C GLU A 537 43.67 -22.04 15.04
N SER A 538 43.84 -20.73 14.84
CA SER A 538 42.97 -19.76 15.50
C SER A 538 41.55 -19.84 14.96
N LEU A 539 41.40 -20.00 13.64
CA LEU A 539 40.08 -19.99 13.02
C LEU A 539 39.32 -21.29 13.17
N PHE A 540 40.01 -22.37 13.57
CA PHE A 540 39.40 -23.69 13.53
C PHE A 540 38.34 -23.87 14.61
N THR A 541 38.64 -23.45 15.83
CA THR A 541 37.69 -23.74 16.92
C THR A 541 36.35 -23.04 16.73
N PRO A 542 36.27 -21.74 16.40
CA PRO A 542 34.96 -21.15 16.15
C PRO A 542 34.25 -21.72 14.93
N MET A 543 35.01 -22.18 13.92
CA MET A 543 34.37 -22.81 12.75
C MET A 543 33.70 -24.11 13.14
N ILE A 544 34.40 -24.93 13.94
CA ILE A 544 33.81 -26.18 14.38
C ILE A 544 32.58 -25.92 15.24
N GLU A 545 32.64 -24.88 16.09
CA GLU A 545 31.44 -24.51 16.84
C GLU A 545 30.31 -24.13 15.90
N LYS A 546 30.58 -23.30 14.90
CA LYS A 546 29.52 -22.87 13.98
C LYS A 546 28.91 -24.06 13.23
N PHE A 547 29.75 -24.95 12.71
CA PHE A 547 29.24 -26.13 12.00
C PHE A 547 28.38 -26.98 12.94
N CYS A 548 28.89 -27.23 14.15
CA CYS A 548 28.18 -28.03 15.14
C CYS A 548 26.79 -27.43 15.44
N SER A 549 26.71 -26.11 15.59
CA SER A 549 25.47 -25.46 15.94
C SER A 549 24.54 -25.22 14.76
N ASN A 550 25.04 -25.37 13.54
CA ASN A 550 24.25 -25.24 12.31
C ASN A 550 23.83 -26.58 11.68
N ALA A 551 24.01 -27.71 12.36
CA ALA A 551 23.54 -29.01 11.86
C ALA A 551 24.29 -29.40 10.58
N LEU A 552 25.58 -29.05 10.54
CA LEU A 552 26.45 -29.46 9.46
C LEU A 552 27.33 -30.66 9.81
N LEU A 553 27.32 -31.10 11.06
CA LEU A 553 28.19 -32.17 11.53
C LEU A 553 27.34 -33.37 11.95
N VAL A 554 27.83 -34.56 11.62
CA VAL A 554 27.15 -35.81 11.96
C VAL A 554 27.93 -36.54 13.05
N GLU B 45 -29.13 15.18 -3.06
CA GLU B 45 -27.88 15.86 -2.77
C GLU B 45 -27.01 15.92 -4.01
N SER B 46 -27.27 16.89 -4.88
CA SER B 46 -26.49 17.10 -6.10
C SER B 46 -25.56 18.28 -5.84
N TYR B 47 -24.24 17.99 -5.69
CA TYR B 47 -23.29 19.02 -5.27
C TYR B 47 -22.67 19.72 -6.47
N PRO B 48 -22.37 21.02 -6.32
CA PRO B 48 -21.44 21.65 -7.25
C PRO B 48 -20.02 21.21 -6.92
N TYR B 49 -19.18 21.16 -7.94
CA TYR B 49 -17.77 20.88 -7.78
C TYR B 49 -17.00 22.07 -8.34
N ALA B 50 -16.38 22.84 -7.44
CA ALA B 50 -15.73 24.08 -7.85
C ALA B 50 -14.63 23.82 -8.88
N ILE B 51 -13.99 22.66 -8.79
CA ILE B 51 -12.88 22.39 -9.69
C ILE B 51 -13.33 22.16 -11.13
N THR B 52 -14.63 22.01 -11.39
CA THR B 52 -15.17 21.88 -12.74
C THR B 52 -15.69 23.19 -13.31
N ASN B 53 -15.59 24.28 -12.55
CA ASN B 53 -16.10 25.59 -12.96
C ASN B 53 -15.51 25.97 -14.32
N PRO B 54 -16.34 26.22 -15.35
CA PRO B 54 -15.80 26.63 -16.65
C PRO B 54 -14.79 27.76 -16.58
N TYR B 55 -14.99 28.72 -15.66
CA TYR B 55 -13.98 29.76 -15.47
C TYR B 55 -12.65 29.19 -14.98
N HIS B 56 -12.67 28.09 -14.23
CA HIS B 56 -11.42 27.45 -13.84
C HIS B 56 -10.75 26.78 -15.04
N LEU B 57 -11.53 26.09 -15.89
CA LEU B 57 -10.94 25.51 -17.09
C LEU B 57 -10.32 26.59 -17.95
N SER B 58 -11.04 27.70 -18.12
CA SER B 58 -10.54 28.80 -18.94
C SER B 58 -9.27 29.39 -18.34
N THR B 59 -9.23 29.52 -17.02
CA THR B 59 -8.06 30.07 -16.35
C THR B 59 -6.85 29.19 -16.64
N LEU B 60 -6.99 27.90 -16.38
CA LEU B 60 -5.90 26.96 -16.63
C LEU B 60 -5.48 26.99 -18.10
N ALA B 61 -6.44 27.11 -19.01
CA ALA B 61 -6.08 27.21 -20.43
C ALA B 61 -5.24 28.47 -20.68
N THR B 62 -5.60 29.58 -20.04
CA THR B 62 -4.78 30.79 -20.17
C THR B 62 -3.37 30.57 -19.65
N LEU B 63 -3.24 29.90 -18.51
CA LEU B 63 -1.91 29.69 -17.92
C LEU B 63 -0.98 29.06 -18.93
N PHE B 64 -1.50 28.14 -19.74
CA PHE B 64 -0.75 27.34 -20.69
C PHE B 64 -0.79 27.88 -22.12
N GLY B 65 -1.27 29.10 -22.32
CA GLY B 65 -1.18 29.74 -23.62
C GLY B 65 -2.30 29.42 -24.59
N ILE B 66 -3.47 29.04 -24.10
CA ILE B 66 -4.65 28.79 -24.92
C ILE B 66 -5.66 29.88 -24.62
N ASN B 67 -6.31 30.41 -25.66
CA ASN B 67 -7.39 31.37 -25.49
C ASN B 67 -8.69 30.59 -25.59
N ALA B 68 -9.32 30.33 -24.45
CA ALA B 68 -10.56 29.59 -24.41
C ALA B 68 -11.73 30.55 -24.53
N PRO B 69 -12.90 30.09 -24.98
CA PRO B 69 -13.99 31.03 -25.23
C PRO B 69 -14.44 31.74 -23.96
N GLU B 70 -14.94 32.96 -24.13
CA GLU B 70 -15.50 33.73 -23.03
C GLU B 70 -16.66 32.96 -22.40
N VAL B 71 -16.65 32.84 -21.08
CA VAL B 71 -17.59 31.95 -20.41
C VAL B 71 -19.02 32.45 -20.58
N GLU B 72 -19.23 33.77 -20.52
CA GLU B 72 -20.58 34.35 -20.40
C GLU B 72 -21.43 34.12 -21.64
N ASN B 73 -20.83 34.02 -22.82
CA ASN B 73 -21.54 33.70 -24.05
C ASN B 73 -21.37 32.24 -24.51
N SER B 74 -20.75 31.38 -23.69
CA SER B 74 -20.30 30.08 -24.16
C SER B 74 -21.43 29.04 -24.16
N LYS B 75 -21.08 27.85 -24.65
CA LYS B 75 -21.94 26.67 -24.60
C LYS B 75 -21.23 25.57 -23.82
N ILE B 76 -21.95 25.01 -22.86
CA ILE B 76 -21.37 24.14 -21.85
C ILE B 76 -22.21 22.87 -21.77
N LEU B 77 -21.53 21.74 -21.74
CA LEU B 77 -22.14 20.41 -21.77
C LEU B 77 -21.64 19.65 -20.55
N GLU B 78 -22.55 19.11 -19.74
CA GLU B 78 -22.13 18.20 -18.67
C GLU B 78 -22.60 16.79 -18.95
N LEU B 79 -21.67 15.85 -18.99
CA LEU B 79 -21.98 14.44 -19.17
C LEU B 79 -22.21 13.79 -17.81
N GLY B 80 -23.31 13.06 -17.68
CA GLY B 80 -23.64 12.40 -16.43
C GLY B 80 -23.88 13.40 -15.32
N CYS B 81 -24.72 14.38 -15.61
CA CYS B 81 -24.96 15.54 -14.76
C CYS B 81 -25.83 15.25 -13.54
N ALA B 82 -26.38 14.04 -13.41
CA ALA B 82 -27.28 13.67 -12.29
C ALA B 82 -28.38 14.72 -12.19
N ALA B 83 -28.64 15.31 -11.02
CA ALA B 83 -29.74 16.25 -10.82
C ALA B 83 -29.36 17.71 -11.14
N GLY B 84 -28.19 17.96 -11.71
CA GLY B 84 -27.86 19.28 -12.23
C GLY B 84 -27.27 20.27 -11.25
N GLY B 85 -26.90 19.84 -10.03
CA GLY B 85 -26.29 20.75 -9.07
C GLY B 85 -24.97 21.33 -9.52
N ASN B 86 -24.26 20.66 -10.43
CA ASN B 86 -23.01 21.18 -10.94
C ASN B 86 -23.20 22.07 -12.17
N LEU B 87 -24.43 22.24 -12.64
CA LEU B 87 -24.74 22.96 -13.86
C LEU B 87 -25.67 24.14 -13.62
N ILE B 88 -26.82 23.91 -12.99
CA ILE B 88 -27.80 24.95 -12.69
C ILE B 88 -27.22 26.25 -12.14
N PRO B 89 -26.29 26.25 -11.17
CA PRO B 89 -25.81 27.55 -10.65
C PRO B 89 -25.14 28.42 -11.72
N HIS B 90 -24.47 27.80 -12.69
CA HIS B 90 -23.86 28.54 -13.80
C HIS B 90 -24.91 29.15 -14.69
N ALA B 91 -25.97 28.39 -15.00
CA ALA B 91 -27.07 28.93 -15.78
C ALA B 91 -27.66 30.15 -15.11
N VAL B 92 -27.75 30.13 -13.78
CA VAL B 92 -28.23 31.30 -13.05
C VAL B 92 -27.25 32.46 -13.21
N LEU B 93 -25.94 32.18 -13.16
CA LEU B 93 -24.96 33.27 -13.23
C LEU B 93 -24.87 33.89 -14.63
N TYR B 94 -25.07 33.11 -15.68
CA TYR B 94 -24.75 33.53 -17.05
C TYR B 94 -25.98 33.36 -17.94
N PRO B 95 -26.95 34.27 -17.84
CA PRO B 95 -28.16 34.13 -18.66
C PRO B 95 -27.88 34.14 -20.16
N ASN B 96 -26.74 34.69 -20.58
CA ASN B 96 -26.43 34.71 -22.00
C ASN B 96 -25.70 33.47 -22.49
N ALA B 97 -25.32 32.57 -21.59
CA ALA B 97 -24.70 31.32 -22.03
C ALA B 97 -25.79 30.24 -22.16
N HIS B 98 -25.40 29.08 -22.70
CA HIS B 98 -26.34 27.96 -22.86
C HIS B 98 -25.77 26.67 -22.29
N PHE B 99 -26.61 25.92 -21.58
CA PHE B 99 -26.18 24.76 -20.82
C PHE B 99 -27.02 23.53 -21.17
N VAL B 100 -26.35 22.40 -21.33
CA VAL B 100 -26.96 21.12 -21.64
C VAL B 100 -26.38 20.05 -20.73
N GLY B 101 -27.21 19.45 -19.87
CA GLY B 101 -26.84 18.26 -19.13
C GLY B 101 -27.47 16.99 -19.70
N VAL B 102 -26.77 15.86 -19.56
CA VAL B 102 -27.25 14.56 -20.03
C VAL B 102 -27.06 13.56 -18.91
N ASP B 103 -28.12 12.82 -18.57
CA ASP B 103 -27.91 11.73 -17.62
C ASP B 103 -28.88 10.60 -17.91
N LEU B 104 -28.43 9.36 -17.68
CA LEU B 104 -29.24 8.19 -17.94
C LEU B 104 -30.34 7.98 -16.92
N SER B 105 -30.28 8.63 -15.75
CA SER B 105 -31.27 8.42 -14.71
C SER B 105 -32.43 9.39 -14.89
N LYS B 106 -33.62 8.86 -15.18
CA LYS B 106 -34.78 9.72 -15.37
C LYS B 106 -35.19 10.45 -14.09
N VAL B 107 -35.02 9.84 -12.91
CA VAL B 107 -35.42 10.50 -11.68
C VAL B 107 -34.53 11.73 -11.41
N GLN B 108 -33.21 11.58 -11.62
CA GLN B 108 -32.29 12.71 -11.48
C GLN B 108 -32.63 13.82 -12.46
N ILE B 109 -32.96 13.47 -13.70
CA ILE B 109 -33.26 14.49 -14.69
C ILE B 109 -34.57 15.20 -14.33
N ASP B 110 -35.55 14.45 -13.84
CA ASP B 110 -36.80 15.08 -13.41
C ASP B 110 -36.54 16.08 -12.30
N GLU B 111 -35.63 15.76 -11.36
CA GLU B 111 -35.34 16.71 -10.28
C GLU B 111 -34.60 17.93 -10.80
N ALA B 112 -33.65 17.73 -11.72
CA ALA B 112 -32.99 18.82 -12.43
C ALA B 112 -33.99 19.78 -13.04
N ASN B 113 -34.93 19.25 -13.84
CA ASN B 113 -35.90 20.10 -14.51
C ASN B 113 -36.84 20.77 -13.52
N LYS B 114 -37.17 20.10 -12.41
CA LYS B 114 -38.01 20.76 -11.40
C LYS B 114 -37.32 22.01 -10.84
N ASN B 115 -36.02 21.90 -10.58
CA ASN B 115 -35.32 23.10 -10.11
C ASN B 115 -35.17 24.13 -11.23
N VAL B 116 -35.02 23.69 -12.47
CA VAL B 116 -34.98 24.64 -13.58
C VAL B 116 -36.27 25.46 -13.61
N ARG B 117 -37.42 24.79 -13.69
CA ARG B 117 -38.71 25.48 -13.65
C ARG B 117 -38.79 26.45 -12.47
N ALA B 118 -38.43 25.97 -11.28
CA ALA B 118 -38.54 26.78 -10.06
C ALA B 118 -37.71 28.06 -10.16
N LEU B 119 -36.52 27.99 -10.74
CA LEU B 119 -35.65 29.15 -10.83
C LEU B 119 -36.00 30.07 -12.00
N GLY B 120 -36.91 29.67 -12.89
CA GLY B 120 -37.24 30.46 -14.05
C GLY B 120 -36.19 30.49 -15.15
N LEU B 121 -35.28 29.52 -15.18
CA LEU B 121 -34.17 29.59 -16.13
C LEU B 121 -34.62 29.20 -17.53
N LYS B 122 -34.28 30.03 -18.52
CA LYS B 122 -34.55 29.76 -19.93
C LYS B 122 -33.34 29.29 -20.72
N ASN B 123 -32.16 29.26 -20.12
CA ASN B 123 -30.90 28.99 -20.82
C ASN B 123 -30.34 27.58 -20.60
N ILE B 124 -31.13 26.65 -20.06
CA ILE B 124 -30.58 25.35 -19.68
C ILE B 124 -31.57 24.21 -19.95
N GLU B 125 -31.05 23.11 -20.48
CA GLU B 125 -31.88 21.93 -20.72
C GLU B 125 -31.18 20.66 -20.26
N PHE B 126 -31.97 19.76 -19.72
CA PHE B 126 -31.51 18.45 -19.30
C PHE B 126 -32.18 17.38 -20.14
N HIS B 127 -31.39 16.40 -20.57
CA HIS B 127 -31.88 15.31 -21.41
C HIS B 127 -31.67 14.01 -20.67
N HIS B 128 -32.74 13.23 -20.60
CA HIS B 128 -32.67 11.87 -20.12
C HIS B 128 -32.34 11.02 -21.32
N CYS B 129 -31.11 10.52 -21.37
CA CYS B 129 -30.63 9.68 -22.47
C CYS B 129 -29.24 9.23 -22.07
N SER B 130 -28.73 8.25 -22.80
CA SER B 130 -27.38 7.82 -22.56
C SER B 130 -26.39 8.78 -23.21
N ILE B 131 -25.17 8.80 -22.67
CA ILE B 131 -24.06 9.43 -23.36
C ILE B 131 -23.97 8.87 -24.78
N THR B 132 -24.24 7.58 -24.93
CA THR B 132 -24.14 6.94 -26.24
C THR B 132 -25.20 7.43 -27.22
N ASP B 133 -26.21 8.17 -26.77
CA ASP B 133 -27.16 8.80 -27.68
C ASP B 133 -26.67 10.12 -28.26
N ILE B 134 -25.60 10.70 -27.71
CA ILE B 134 -25.10 11.99 -28.19
C ILE B 134 -24.45 11.81 -29.56
N ASP B 135 -24.74 12.73 -30.48
CA ASP B 135 -24.19 12.63 -31.83
C ASP B 135 -23.78 14.03 -32.29
N ASP B 136 -23.46 14.15 -33.57
CA ASP B 136 -23.01 15.44 -34.08
C ASP B 136 -24.10 16.51 -34.02
N SER B 137 -25.38 16.13 -33.96
CA SER B 137 -26.45 17.11 -33.92
C SER B 137 -26.54 17.85 -32.58
N PHE B 138 -25.86 17.38 -31.53
CA PHE B 138 -25.80 18.16 -30.30
C PHE B 138 -25.01 19.45 -30.46
N GLY B 139 -24.17 19.54 -31.47
CA GLY B 139 -23.41 20.73 -31.70
C GLY B 139 -22.10 20.74 -30.94
N LYS B 140 -21.40 21.85 -31.08
CA LYS B 140 -20.10 21.98 -30.46
C LYS B 140 -20.25 22.81 -29.20
N PHE B 141 -19.51 22.41 -28.18
CA PHE B 141 -19.54 23.07 -26.89
C PHE B 141 -18.17 23.61 -26.59
N ASP B 142 -18.16 24.74 -25.88
CA ASP B 142 -16.92 25.36 -25.46
C ASP B 142 -16.35 24.70 -24.23
N TYR B 143 -17.19 24.11 -23.38
CA TYR B 143 -16.67 23.42 -22.21
C TYR B 143 -17.46 22.14 -22.00
N ILE B 144 -16.76 21.02 -21.82
CA ILE B 144 -17.40 19.73 -21.60
C ILE B 144 -16.92 19.21 -20.25
N ILE B 145 -17.84 18.92 -19.33
CA ILE B 145 -17.51 18.50 -17.98
C ILE B 145 -18.01 17.08 -17.78
N CYS B 146 -17.12 16.16 -17.46
CA CYS B 146 -17.50 14.80 -17.11
C CYS B 146 -16.80 14.43 -15.81
N HIS B 147 -17.53 14.51 -14.70
CA HIS B 147 -16.98 14.39 -13.36
C HIS B 147 -17.51 13.12 -12.73
N GLY B 148 -16.60 12.21 -12.39
CA GLY B 148 -16.98 11.00 -11.67
C GLY B 148 -17.88 10.02 -12.39
N VAL B 149 -17.85 9.96 -13.72
CA VAL B 149 -18.60 8.94 -14.47
C VAL B 149 -17.69 7.92 -15.14
N ILE B 150 -16.64 8.37 -15.85
CA ILE B 150 -15.92 7.48 -16.78
C ILE B 150 -15.32 6.26 -16.08
N SER B 151 -14.96 6.36 -14.80
CA SER B 151 -14.43 5.18 -14.12
C SER B 151 -15.49 4.11 -13.92
N TRP B 152 -16.77 4.52 -13.85
CA TRP B 152 -17.84 3.63 -13.45
C TRP B 152 -18.69 3.09 -14.61
N VAL B 153 -18.33 3.36 -15.85
CA VAL B 153 -19.22 2.98 -16.95
C VAL B 153 -18.49 1.96 -17.83
N PRO B 154 -19.25 1.17 -18.59
CA PRO B 154 -18.62 0.16 -19.45
C PRO B 154 -17.77 0.78 -20.56
N LYS B 155 -16.93 -0.06 -21.15
CA LYS B 155 -15.97 0.37 -22.16
C LYS B 155 -16.63 1.13 -23.32
N ILE B 156 -17.80 0.66 -23.79
CA ILE B 156 -18.43 1.32 -24.95
C ILE B 156 -18.82 2.75 -24.60
N VAL B 157 -19.19 3.00 -23.34
CA VAL B 157 -19.50 4.35 -22.88
C VAL B 157 -18.22 5.16 -22.63
N ARG B 158 -17.14 4.54 -22.17
CA ARG B 158 -15.89 5.29 -22.02
C ARG B 158 -15.39 5.79 -23.37
N ASP B 159 -15.39 4.91 -24.37
CA ASP B 159 -15.03 5.31 -25.71
C ASP B 159 -15.93 6.42 -26.22
N LYS B 160 -17.23 6.29 -25.99
CA LYS B 160 -18.13 7.37 -26.40
C LYS B 160 -17.77 8.70 -25.73
N ILE B 161 -17.41 8.67 -24.43
CA ILE B 161 -17.05 9.91 -23.75
C ILE B 161 -15.87 10.57 -24.46
N PHE B 162 -14.81 9.81 -24.75
CA PHE B 162 -13.70 10.40 -25.49
C PHE B 162 -14.16 10.95 -26.85
N LYS B 163 -15.01 10.20 -27.55
CA LYS B 163 -15.45 10.63 -28.88
C LYS B 163 -16.25 11.94 -28.83
N VAL B 164 -17.12 12.11 -27.83
CA VAL B 164 -17.84 13.37 -27.67
C VAL B 164 -16.88 14.49 -27.31
N CYS B 165 -15.94 14.24 -26.40
CA CYS B 165 -14.98 15.28 -26.04
C CYS B 165 -14.13 15.71 -27.23
N ASN B 166 -14.06 14.90 -28.29
CA ASN B 166 -13.44 15.38 -29.53
C ASN B 166 -14.47 16.06 -30.44
N ARG B 167 -15.48 15.32 -30.90
CA ARG B 167 -16.36 15.77 -31.97
C ARG B 167 -17.25 16.94 -31.57
N ASN B 168 -17.66 17.01 -30.32
CA ASN B 168 -18.57 18.05 -29.86
C ASN B 168 -17.83 19.19 -29.17
N LEU B 169 -16.52 19.22 -29.27
CA LEU B 169 -15.67 20.24 -28.66
C LEU B 169 -15.33 21.32 -29.67
N SER B 170 -15.44 22.58 -29.24
CA SER B 170 -15.06 23.75 -30.01
C SER B 170 -13.55 23.76 -30.24
N THR B 171 -13.15 24.53 -31.25
CA THR B 171 -11.75 24.58 -31.66
C THR B 171 -10.83 24.84 -30.47
N ASN B 172 -11.13 25.89 -29.72
CA ASN B 172 -10.41 26.26 -28.52
C ASN B 172 -11.06 25.71 -27.24
N GLY B 173 -12.03 24.80 -27.36
CA GLY B 173 -12.73 24.30 -26.19
C GLY B 173 -11.85 23.49 -25.25
N ILE B 174 -12.39 23.26 -24.05
CA ILE B 174 -11.71 22.51 -23.00
C ILE B 174 -12.64 21.42 -22.48
N ALA B 175 -12.10 20.21 -22.33
CA ALA B 175 -12.84 19.08 -21.80
C ALA B 175 -12.24 18.69 -20.45
N TYR B 176 -13.11 18.43 -19.49
CA TYR B 176 -12.76 17.94 -18.16
C TYR B 176 -13.25 16.52 -18.03
N ILE B 177 -12.37 15.61 -17.62
CA ILE B 177 -12.74 14.24 -17.27
C ILE B 177 -12.02 13.87 -15.98
N SER B 178 -12.77 13.45 -14.97
CA SER B 178 -12.10 12.99 -13.76
C SER B 178 -12.33 11.49 -13.56
N TYR B 179 -11.34 10.84 -12.93
CA TYR B 179 -11.36 9.38 -12.83
C TYR B 179 -10.45 8.92 -11.70
N ASN B 180 -10.72 7.72 -11.17
CA ASN B 180 -9.84 7.10 -10.20
C ASN B 180 -8.63 6.52 -10.93
N THR B 181 -7.51 6.43 -10.23
CA THR B 181 -6.26 5.96 -10.84
C THR B 181 -5.57 4.90 -9.97
N LEU B 182 -4.94 3.94 -10.62
CA LEU B 182 -3.93 3.13 -9.94
C LEU B 182 -2.68 4.00 -9.90
N PRO B 183 -1.75 3.77 -8.96
CA PRO B 183 -1.79 2.74 -7.89
C PRO B 183 -2.69 3.07 -6.72
N GLY B 184 -3.06 4.35 -6.56
CA GLY B 184 -3.75 4.78 -5.36
C GLY B 184 -5.08 4.09 -5.12
N TRP B 185 -5.76 3.67 -6.18
CA TRP B 185 -7.04 3.02 -5.99
C TRP B 185 -6.93 1.63 -5.38
N ASN B 186 -5.74 1.00 -5.42
CA ASN B 186 -5.62 -0.37 -4.89
C ASN B 186 -6.24 -0.47 -3.50
N MET B 187 -5.88 0.45 -2.60
CA MET B 187 -6.37 0.39 -1.22
C MET B 187 -7.88 0.48 -1.16
N VAL B 188 -8.48 1.39 -1.93
CA VAL B 188 -9.94 1.49 -1.94
C VAL B 188 -10.56 0.19 -2.43
N ARG B 189 -10.00 -0.37 -3.50
CA ARG B 189 -10.56 -1.61 -4.02
C ARG B 189 -10.46 -2.69 -2.96
N THR B 190 -9.34 -2.71 -2.24
CA THR B 190 -9.17 -3.74 -1.22
C THR B 190 -10.28 -3.64 -0.20
N ILE B 191 -10.56 -2.42 0.27
CA ILE B 191 -11.57 -2.28 1.32
C ILE B 191 -12.92 -2.69 0.77
N ARG B 192 -13.21 -2.34 -0.48
CA ARG B 192 -14.47 -2.75 -1.07
C ARG B 192 -14.55 -4.27 -1.10
N ASP B 193 -13.47 -4.91 -1.55
CA ASP B 193 -13.42 -6.37 -1.50
C ASP B 193 -13.71 -6.85 -0.08
N MET B 194 -13.02 -6.25 0.89
CA MET B 194 -13.17 -6.66 2.27
C MET B 194 -14.63 -6.58 2.70
N MET B 195 -15.27 -5.45 2.39
CA MET B 195 -16.65 -5.26 2.83
C MET B 195 -17.57 -6.21 2.11
N LEU B 196 -17.30 -6.52 0.84
CA LEU B 196 -18.18 -7.48 0.19
C LEU B 196 -17.97 -8.87 0.77
N TYR B 197 -16.72 -9.25 1.05
CA TYR B 197 -16.52 -10.63 1.45
C TYR B 197 -17.13 -10.88 2.81
N HIS B 198 -17.01 -9.92 3.71
CA HIS B 198 -17.57 -10.14 5.03
C HIS B 198 -19.04 -9.75 5.11
N SER B 199 -19.65 -9.35 3.98
CA SER B 199 -21.03 -8.86 3.97
C SER B 199 -22.07 -9.90 3.53
N SER B 200 -21.69 -11.17 3.36
CA SER B 200 -22.67 -12.16 2.91
C SER B 200 -23.87 -12.28 3.84
N SER B 201 -23.85 -11.59 5.00
CA SER B 201 -24.99 -11.57 5.92
C SER B 201 -26.22 -10.92 5.28
N PHE B 202 -27.35 -11.58 5.44
CA PHE B 202 -28.68 -11.29 4.90
C PHE B 202 -28.69 -11.01 3.40
N THR B 203 -29.81 -10.44 2.91
CA THR B 203 -29.92 -9.99 1.52
C THR B 203 -30.14 -8.49 1.36
N ASN B 204 -30.46 -7.76 2.43
CA ASN B 204 -31.00 -6.42 2.27
C ASN B 204 -29.87 -5.42 2.05
N ILE B 205 -30.15 -4.39 1.26
CA ILE B 205 -29.26 -3.24 1.20
C ILE B 205 -29.11 -2.65 2.59
N ARG B 206 -30.24 -2.30 3.22
CA ARG B 206 -30.22 -1.67 4.54
C ARG B 206 -29.47 -2.53 5.56
N ASP B 207 -29.89 -3.79 5.70
CA ASP B 207 -29.27 -4.67 6.69
C ASP B 207 -27.77 -4.81 6.45
N ARG B 208 -27.36 -4.89 5.17
CA ARG B 208 -25.94 -5.06 4.87
C ARG B 208 -25.13 -3.80 5.19
N ILE B 209 -25.74 -2.61 5.08
CA ILE B 209 -25.00 -1.39 5.37
C ILE B 209 -24.53 -1.37 6.82
N ALA B 210 -25.41 -1.77 7.74
CA ALA B 210 -25.07 -1.73 9.17
C ALA B 210 -23.85 -2.59 9.47
N GLN B 211 -23.78 -3.80 8.89
CA GLN B 211 -22.65 -4.66 9.17
C GLN B 211 -21.40 -4.27 8.38
N SER B 212 -21.56 -3.56 7.26
CA SER B 212 -20.39 -2.89 6.68
C SER B 212 -19.82 -1.88 7.66
N ARG B 213 -20.69 -1.08 8.29
CA ARG B 213 -20.22 -0.08 9.24
C ARG B 213 -19.54 -0.74 10.44
N LEU B 214 -20.19 -1.72 11.06
CA LEU B 214 -19.55 -2.37 12.20
C LEU B 214 -18.36 -3.22 11.79
N LEU B 215 -18.19 -3.52 10.50
CA LEU B 215 -16.94 -4.12 10.06
C LEU B 215 -15.85 -3.06 10.01
N LEU B 216 -16.18 -1.83 9.62
CA LEU B 216 -15.20 -0.74 9.71
C LEU B 216 -14.79 -0.48 11.16
N GLU B 217 -15.76 -0.43 12.08
CA GLU B 217 -15.42 -0.28 13.49
C GLU B 217 -14.59 -1.47 13.97
N PHE B 218 -14.97 -2.69 13.57
CA PHE B 218 -14.22 -3.88 13.97
C PHE B 218 -12.77 -3.79 13.50
N VAL B 219 -12.56 -3.26 12.30
CA VAL B 219 -11.22 -3.08 11.75
C VAL B 219 -10.44 -2.09 12.61
N LYS B 220 -11.08 -0.96 12.97
CA LYS B 220 -10.48 0.03 13.86
C LYS B 220 -10.01 -0.60 15.17
N ASP B 221 -10.90 -1.34 15.84
CA ASP B 221 -10.53 -1.98 17.10
C ASP B 221 -9.43 -3.02 16.89
N SER B 222 -9.45 -3.71 15.75
CA SER B 222 -8.44 -4.72 15.48
C SER B 222 -7.05 -4.10 15.41
N LEU B 223 -6.93 -2.93 14.78
CA LEU B 223 -5.64 -2.32 14.54
C LEU B 223 -5.19 -1.38 15.66
N GLU B 224 -5.91 -1.36 16.79
CA GLU B 224 -5.70 -0.35 17.84
C GLU B 224 -4.23 -0.21 18.22
N HIS B 225 -3.58 -1.33 18.50
CA HIS B 225 -2.21 -1.35 19.01
C HIS B 225 -1.16 -1.60 17.92
N SER B 226 -1.55 -1.65 16.65
CA SER B 226 -0.60 -1.92 15.58
C SER B 226 0.16 -0.64 15.20
N LYS B 227 1.48 -0.75 15.18
CA LYS B 227 2.35 0.38 14.85
C LYS B 227 2.82 0.39 13.40
N THR B 228 2.46 -0.63 12.61
CA THR B 228 2.98 -0.72 11.26
C THR B 228 2.42 0.40 10.40
N PRO B 229 3.11 0.74 9.31
CA PRO B 229 2.55 1.74 8.37
C PRO B 229 1.25 1.31 7.72
N TYR B 230 1.12 0.03 7.34
CA TYR B 230 -0.10 -0.39 6.68
C TYR B 230 -1.30 -0.25 7.60
N ALA B 231 -1.13 -0.58 8.88
CA ALA B 231 -2.19 -0.37 9.85
C ALA B 231 -2.64 1.09 9.87
N GLU B 232 -1.68 2.02 9.82
CA GLU B 232 -2.03 3.44 9.80
C GLU B 232 -2.85 3.77 8.55
N VAL B 233 -2.41 3.30 7.38
CA VAL B 233 -3.12 3.62 6.15
C VAL B 233 -4.54 3.07 6.19
N LEU B 234 -4.67 1.77 6.52
CA LEU B 234 -5.98 1.14 6.56
C LEU B 234 -6.90 1.79 7.59
N LYS B 235 -6.36 2.12 8.77
CA LYS B 235 -7.17 2.75 9.82
C LYS B 235 -7.73 4.09 9.36
N THR B 236 -6.92 4.89 8.68
CA THR B 236 -7.44 6.17 8.20
C THR B 236 -8.49 5.96 7.10
N GLU B 237 -8.23 5.04 6.17
CA GLU B 237 -9.16 4.81 5.07
C GLU B 237 -10.50 4.28 5.59
N ALA B 238 -10.47 3.32 6.51
CA ALA B 238 -11.70 2.84 7.12
C ALA B 238 -12.42 3.97 7.86
N GLY B 239 -11.69 4.81 8.59
CA GLY B 239 -12.33 5.95 9.26
C GLY B 239 -13.07 6.85 8.30
N LEU B 240 -12.44 7.16 7.16
CA LEU B 240 -13.11 7.92 6.10
C LEU B 240 -14.39 7.23 5.64
N LEU B 241 -14.31 5.94 5.32
CA LEU B 241 -15.50 5.22 4.86
C LEU B 241 -16.61 5.25 5.90
N ALA B 242 -16.24 5.10 7.17
CA ALA B 242 -17.22 5.13 8.23
C ALA B 242 -17.93 6.47 8.30
N LYS B 243 -17.19 7.56 8.07
CA LYS B 243 -17.83 8.88 8.13
C LYS B 243 -18.92 9.03 7.07
N GLN B 244 -18.79 8.37 5.93
CA GLN B 244 -19.71 8.58 4.80
C GLN B 244 -21.12 8.08 5.12
N THR B 245 -22.07 8.54 4.31
CA THR B 245 -23.47 8.18 4.43
C THR B 245 -23.74 6.88 3.68
N ASP B 246 -24.98 6.39 3.79
CA ASP B 246 -25.30 5.03 3.33
C ASP B 246 -25.27 4.87 1.82
N HIS B 247 -25.45 5.95 1.05
CA HIS B 247 -25.47 5.82 -0.40
C HIS B 247 -24.14 5.30 -0.92
N TYR B 248 -23.06 5.53 -0.20
CA TYR B 248 -21.74 5.12 -0.63
C TYR B 248 -21.36 3.73 -0.13
N LEU B 249 -22.10 3.17 0.83
CA LEU B 249 -21.85 1.84 1.38
C LEU B 249 -22.77 0.75 0.81
N ARG B 250 -23.63 1.08 -0.18
CA ARG B 250 -24.89 0.36 -0.40
C ARG B 250 -24.74 -1.00 -1.10
N HIS B 251 -23.52 -1.44 -1.41
CA HIS B 251 -23.19 -2.81 -1.84
C HIS B 251 -23.58 -3.11 -3.27
N ASP B 252 -24.55 -2.40 -3.81
CA ASP B 252 -24.75 -2.47 -5.25
C ASP B 252 -23.70 -1.63 -5.94
N HIS B 253 -23.30 -0.53 -5.28
CA HIS B 253 -22.19 0.27 -5.74
C HIS B 253 -20.84 -0.35 -5.38
N LEU B 254 -20.75 -0.99 -4.21
CA LEU B 254 -19.50 -1.68 -3.87
C LEU B 254 -19.15 -2.72 -4.92
N GLU B 255 -20.16 -3.39 -5.47
CA GLU B 255 -19.95 -4.40 -6.48
C GLU B 255 -19.62 -3.84 -7.85
N GLU B 256 -19.81 -2.54 -8.06
CA GLU B 256 -19.53 -1.93 -9.35
C GLU B 256 -18.04 -1.99 -9.69
N GLU B 257 -17.75 -2.28 -10.96
CA GLU B 257 -16.38 -2.37 -11.45
C GLU B 257 -15.88 -0.99 -11.84
N ASN B 258 -14.67 -0.67 -11.38
CA ASN B 258 -13.96 0.53 -11.75
C ASN B 258 -12.98 0.23 -12.87
N ALA B 259 -12.85 1.18 -13.81
CA ALA B 259 -11.94 0.97 -14.95
C ALA B 259 -10.48 0.86 -14.53
N GLN B 260 -10.10 1.37 -13.37
CA GLN B 260 -8.75 1.22 -12.83
C GLN B 260 -7.69 1.69 -13.83
N PHE B 261 -7.93 2.84 -14.44
CA PHE B 261 -6.94 3.46 -15.31
C PHE B 261 -5.64 3.74 -14.56
N TYR B 262 -4.51 3.44 -15.22
CA TYR B 262 -3.30 4.23 -15.04
C TYR B 262 -3.39 5.48 -15.92
N PHE B 263 -2.70 6.55 -15.51
CA PHE B 263 -2.70 7.78 -16.31
C PHE B 263 -2.34 7.52 -17.76
N HIS B 264 -1.30 6.70 -18.02
CA HIS B 264 -0.85 6.54 -19.40
C HIS B 264 -1.83 5.75 -20.26
N GLU B 265 -2.64 4.87 -19.64
CA GLU B 265 -3.69 4.17 -20.38
C GLU B 265 -4.85 5.11 -20.70
N PHE B 266 -5.25 5.93 -19.70
CA PHE B 266 -6.24 6.98 -19.96
C PHE B 266 -5.80 7.85 -21.13
N MET B 267 -4.56 8.31 -21.08
CA MET B 267 -4.08 9.19 -22.13
C MET B 267 -3.97 8.47 -23.45
N ASN B 268 -3.63 7.17 -23.44
CA ASN B 268 -3.65 6.36 -24.66
C ASN B 268 -5.01 6.47 -25.35
N GLU B 269 -6.07 6.29 -24.56
CA GLU B 269 -7.42 6.41 -25.09
C GLU B 269 -7.70 7.83 -25.61
N ALA B 270 -7.29 8.85 -24.86
CA ALA B 270 -7.56 10.21 -25.31
C ALA B 270 -6.85 10.52 -26.62
N ARG B 271 -5.60 10.04 -26.76
CA ARG B 271 -4.84 10.29 -27.98
C ARG B 271 -5.43 9.56 -29.17
N LYS B 272 -6.03 8.37 -28.96
CA LYS B 272 -6.74 7.73 -30.07
C LYS B 272 -7.80 8.63 -30.66
N HIS B 273 -8.36 9.54 -29.86
CA HIS B 273 -9.41 10.47 -30.25
C HIS B 273 -8.88 11.87 -30.56
N ASN B 274 -7.56 12.04 -30.67
CA ASN B 274 -6.94 13.30 -31.10
C ASN B 274 -7.15 14.40 -30.06
N LEU B 275 -7.10 14.02 -28.79
CA LEU B 275 -7.06 14.94 -27.68
C LEU B 275 -5.69 14.86 -27.02
N GLN B 276 -5.19 15.99 -26.57
CA GLN B 276 -3.93 16.06 -25.87
C GLN B 276 -4.17 16.52 -24.44
N TYR B 277 -3.21 16.16 -23.58
CA TYR B 277 -3.23 16.54 -22.17
C TYR B 277 -2.91 18.02 -21.98
N LEU B 278 -3.76 18.71 -21.25
CA LEU B 278 -3.49 20.10 -20.93
C LEU B 278 -2.91 20.22 -19.54
N ALA B 279 -3.70 19.91 -18.52
CA ALA B 279 -3.27 20.09 -17.13
C ALA B 279 -4.15 19.25 -16.23
N ASP B 280 -3.69 19.06 -15.00
CA ASP B 280 -4.55 18.64 -13.91
C ASP B 280 -5.20 19.87 -13.29
N CYS B 281 -6.44 19.75 -12.85
CA CYS B 281 -7.14 20.94 -12.36
C CYS B 281 -6.63 21.37 -11.00
N ASN B 282 -5.93 20.50 -10.28
CA ASN B 282 -5.12 20.94 -9.14
C ASN B 282 -3.70 20.99 -9.67
N ILE B 283 -3.23 22.20 -9.95
CA ILE B 283 -1.91 22.32 -10.56
C ILE B 283 -0.83 21.90 -9.57
N SER B 284 -1.10 21.95 -8.27
CA SER B 284 -0.08 21.56 -7.31
C SER B 284 0.30 20.09 -7.44
N THR B 285 -0.57 19.26 -8.03
CA THR B 285 -0.18 17.87 -8.26
C THR B 285 0.89 17.76 -9.34
N MET B 286 1.05 18.79 -10.15
CA MET B 286 2.07 18.86 -11.19
C MET B 286 3.37 19.49 -10.69
N TYR B 287 3.44 19.91 -9.42
CA TYR B 287 4.61 20.63 -8.94
C TYR B 287 5.77 19.66 -8.73
N LEU B 288 6.90 19.95 -9.38
CA LEU B 288 8.11 19.15 -9.28
C LEU B 288 9.12 19.70 -8.28
N GLY B 289 8.86 20.85 -7.68
CA GLY B 289 9.89 21.59 -6.97
C GLY B 289 10.22 21.09 -5.58
N ASN B 290 9.47 20.14 -5.06
CA ASN B 290 9.74 19.57 -3.74
C ASN B 290 10.63 18.33 -3.82
N MET B 291 11.19 18.06 -4.98
CA MET B 291 11.99 16.92 -5.36
C MET B 291 13.46 17.33 -5.56
N PRO B 292 14.40 16.40 -5.40
CA PRO B 292 15.82 16.73 -5.55
C PRO B 292 16.09 17.36 -6.90
N PRO B 293 16.95 18.40 -6.94
CA PRO B 293 17.12 19.16 -8.19
C PRO B 293 17.72 18.35 -9.33
N LYS B 294 18.58 17.36 -9.04
CA LYS B 294 19.03 16.45 -10.08
C LYS B 294 17.87 15.66 -10.67
N VAL B 295 16.96 15.19 -9.81
CA VAL B 295 15.78 14.48 -10.28
C VAL B 295 14.94 15.38 -11.18
N VAL B 296 14.70 16.60 -10.75
CA VAL B 296 13.89 17.53 -11.52
C VAL B 296 14.52 17.80 -12.88
N GLU B 297 15.83 18.02 -12.91
CA GLU B 297 16.53 18.24 -14.17
C GLU B 297 16.43 17.01 -15.07
N GLN B 298 16.52 15.81 -14.50
CA GLN B 298 16.37 14.59 -15.29
C GLN B 298 14.95 14.47 -15.84
N LEU B 299 13.95 14.84 -15.04
CA LEU B 299 12.56 14.78 -15.52
C LEU B 299 12.35 15.75 -16.66
N LYS B 300 13.00 16.92 -16.60
CA LYS B 300 12.92 17.87 -17.71
C LYS B 300 13.68 17.38 -18.93
N ALA B 301 14.77 16.63 -18.72
CA ALA B 301 15.61 16.16 -19.83
C ALA B 301 14.79 15.39 -20.87
N VAL B 302 14.05 14.37 -20.43
CA VAL B 302 13.03 13.81 -21.28
C VAL B 302 11.90 14.82 -21.39
N ASN B 303 11.42 15.06 -22.62
CA ASN B 303 10.27 15.93 -22.77
C ASN B 303 9.12 15.07 -23.28
N ASP B 304 8.32 14.57 -22.34
CA ASP B 304 6.92 14.23 -22.55
C ASP B 304 6.24 14.36 -21.20
N ILE B 305 5.12 15.07 -21.15
CA ILE B 305 4.52 15.33 -19.85
C ILE B 305 3.75 14.09 -19.37
N VAL B 306 3.27 13.25 -20.28
CA VAL B 306 2.52 12.08 -19.85
C VAL B 306 3.41 11.12 -19.07
N ARG B 307 4.63 10.89 -19.56
CA ARG B 307 5.54 9.99 -18.87
C ARG B 307 5.94 10.54 -17.50
N THR B 308 6.25 11.84 -17.43
CA THR B 308 6.59 12.49 -16.17
C THR B 308 5.45 12.36 -15.18
N GLU B 309 4.24 12.70 -15.62
CA GLU B 309 3.06 12.58 -14.78
C GLU B 309 2.86 11.14 -14.31
N GLN B 310 3.06 10.16 -15.19
CA GLN B 310 2.89 8.77 -14.77
C GLN B 310 3.90 8.41 -13.69
N TYR B 311 5.16 8.80 -13.90
CA TYR B 311 6.21 8.57 -12.89
C TYR B 311 5.80 9.13 -11.54
N MET B 312 5.29 10.38 -11.54
CA MET B 312 4.86 10.99 -10.29
C MET B 312 3.69 10.24 -9.66
N ASP B 313 2.75 9.76 -10.48
CA ASP B 313 1.68 8.91 -9.98
C ASP B 313 2.22 7.68 -9.27
N PHE B 314 3.27 7.06 -9.84
CA PHE B 314 3.85 5.87 -9.26
C PHE B 314 4.48 6.18 -7.89
N ILE B 315 5.27 7.24 -7.81
CA ILE B 315 5.97 7.47 -6.54
C ILE B 315 5.11 8.19 -5.49
N THR B 316 4.00 8.83 -5.88
CA THR B 316 3.09 9.46 -4.92
C THR B 316 1.83 8.65 -4.61
N ASN B 317 1.62 7.50 -5.24
CA ASN B 317 0.43 6.67 -4.98
C ASN B 317 -0.86 7.42 -5.32
N ARG B 318 -0.89 8.01 -6.52
CA ARG B 318 -1.99 8.87 -6.94
C ARG B 318 -3.32 8.10 -7.04
N ARG B 319 -4.39 8.62 -6.42
CA ARG B 319 -5.64 7.87 -6.49
C ARG B 319 -6.73 8.46 -7.38
N PHE B 320 -6.60 9.72 -7.82
CA PHE B 320 -7.68 10.38 -8.55
C PHE B 320 -7.03 11.45 -9.42
N ARG B 321 -7.54 11.62 -10.63
CA ARG B 321 -7.07 12.70 -11.49
C ARG B 321 -8.26 13.49 -11.98
N THR B 322 -8.09 14.80 -12.07
CA THR B 322 -9.07 15.68 -12.69
C THR B 322 -8.35 16.27 -13.90
N THR B 323 -8.57 15.68 -15.06
CA THR B 323 -7.74 15.94 -16.24
C THR B 323 -8.46 16.89 -17.18
N LEU B 324 -7.72 17.89 -17.65
CA LEU B 324 -8.16 18.76 -18.74
C LEU B 324 -7.55 18.29 -20.05
N LEU B 325 -8.38 18.16 -21.06
CA LEU B 325 -8.01 17.74 -22.40
C LEU B 325 -8.37 18.84 -23.39
N CYS B 326 -7.56 18.98 -24.46
CA CYS B 326 -7.96 19.89 -25.53
C CYS B 326 -7.57 19.25 -26.87
N HIS B 327 -7.91 19.95 -27.95
CA HIS B 327 -7.65 19.42 -29.29
C HIS B 327 -6.16 19.30 -29.56
N ASN B 328 -5.79 18.26 -30.30
CA ASN B 328 -4.42 18.01 -30.73
C ASN B 328 -3.79 19.22 -31.40
N ASP B 329 -4.59 19.97 -32.14
CA ASP B 329 -4.06 21.02 -32.99
C ASP B 329 -3.48 22.19 -32.20
N LEU B 330 -3.84 22.34 -30.93
CA LEU B 330 -3.43 23.51 -30.16
C LEU B 330 -1.98 23.38 -29.70
N LYS B 331 -1.27 24.50 -29.70
CA LYS B 331 0.13 24.52 -29.28
C LYS B 331 0.16 25.03 -27.83
N ILE B 332 0.42 24.12 -26.91
CA ILE B 332 0.43 24.45 -25.48
C ILE B 332 1.83 24.93 -25.09
N ASN B 333 1.88 25.97 -24.26
CA ASN B 333 3.13 26.56 -23.81
C ASN B 333 3.27 26.31 -22.32
N ARG B 334 4.20 25.41 -21.95
CA ARG B 334 4.42 25.04 -20.56
C ARG B 334 5.52 25.85 -19.90
N ASN B 335 6.04 26.86 -20.58
CA ASN B 335 7.09 27.71 -20.02
C ASN B 335 6.41 28.83 -19.26
N ILE B 336 6.48 28.79 -17.94
CA ILE B 336 5.77 29.69 -17.05
C ILE B 336 6.79 30.57 -16.34
N ASN B 337 6.52 31.87 -16.29
CA ASN B 337 7.41 32.85 -15.69
C ASN B 337 6.66 33.63 -14.61
N ASN B 338 7.42 34.33 -13.77
CA ASN B 338 6.79 35.07 -12.68
C ASN B 338 5.83 36.13 -13.21
N ASP B 339 6.21 36.81 -14.28
CA ASP B 339 5.38 37.91 -14.78
C ASP B 339 4.02 37.44 -15.27
N ASP B 340 3.86 36.14 -15.54
CA ASP B 340 2.56 35.59 -15.90
C ASP B 340 1.49 35.91 -14.87
N ILE B 341 1.89 36.18 -13.62
CA ILE B 341 0.86 36.51 -12.64
C ILE B 341 0.02 37.69 -13.10
N LYS B 342 0.62 38.65 -13.80
CA LYS B 342 -0.13 39.82 -14.24
C LYS B 342 -1.31 39.46 -15.15
N LYS B 343 -1.33 38.27 -15.71
CA LYS B 343 -2.45 37.89 -16.57
C LYS B 343 -3.76 37.66 -15.81
N PHE B 344 -3.71 37.52 -14.49
CA PHE B 344 -4.85 36.91 -13.80
C PHE B 344 -5.33 37.80 -12.66
N ASN B 345 -6.52 37.47 -12.19
CA ASN B 345 -7.00 37.94 -10.92
C ASN B 345 -6.67 36.89 -9.87
N ILE B 346 -6.43 37.34 -8.64
CA ILE B 346 -5.70 36.58 -7.65
C ILE B 346 -6.52 36.49 -6.38
N ILE B 347 -6.52 35.32 -5.75
CA ILE B 347 -7.13 35.12 -4.44
C ILE B 347 -6.11 34.42 -3.54
N PHE B 348 -5.85 35.00 -2.38
CA PHE B 348 -5.02 34.34 -1.39
C PHE B 348 -5.78 34.40 -0.09
N ASN B 349 -6.33 33.27 0.36
CA ASN B 349 -7.22 33.35 1.52
C ASN B 349 -6.36 33.15 2.77
N VAL B 350 -6.02 34.26 3.40
CA VAL B 350 -5.08 34.29 4.52
C VAL B 350 -5.73 35.10 5.64
N ILE B 351 -5.59 34.64 6.87
CA ILE B 351 -6.15 35.33 8.02
C ILE B 351 -5.00 35.71 8.96
N PRO B 352 -4.78 37.01 9.21
CA PRO B 352 -3.65 37.40 10.05
C PRO B 352 -3.85 37.04 11.50
N GLU B 353 -2.76 36.63 12.15
CA GLU B 353 -2.77 36.37 13.58
C GLU B 353 -3.03 37.64 14.38
N LYS B 354 -2.57 38.78 13.90
CA LYS B 354 -2.87 40.03 14.58
C LYS B 354 -3.54 41.00 13.63
N PRO B 355 -4.55 41.74 14.07
CA PRO B 355 -5.24 42.68 13.16
C PRO B 355 -4.33 43.82 12.73
N LEU B 356 -4.76 44.48 11.65
CA LEU B 356 -3.89 45.45 10.98
C LEU B 356 -3.65 46.68 11.83
N LYS B 357 -4.70 47.19 12.49
CA LYS B 357 -4.54 48.39 13.30
C LYS B 357 -3.61 48.21 14.48
N GLU B 358 -3.26 46.97 14.81
CA GLU B 358 -2.37 46.71 15.93
C GLU B 358 -0.91 46.51 15.53
N VAL B 359 -0.58 46.61 14.25
CA VAL B 359 0.80 46.39 13.83
C VAL B 359 1.32 47.59 13.04
N ASP B 360 2.63 47.77 13.10
CA ASP B 360 3.36 48.75 12.31
C ASP B 360 4.05 47.97 11.19
N LEU B 361 3.60 48.19 9.96
CA LEU B 361 4.07 47.38 8.83
C LEU B 361 5.54 47.57 8.52
N ASN B 362 6.13 48.69 8.93
CA ASN B 362 7.54 48.95 8.66
C ASN B 362 8.45 48.47 9.78
N ASN B 363 7.92 47.76 10.76
CA ASN B 363 8.73 47.19 11.83
C ASN B 363 9.19 45.82 11.35
N ALA B 364 10.46 45.72 10.95
CA ALA B 364 10.97 44.52 10.32
C ALA B 364 11.59 43.56 11.31
N THR B 365 11.66 43.91 12.60
CA THR B 365 11.97 42.92 13.62
C THR B 365 10.77 42.02 13.90
N GLU B 366 9.56 42.47 13.57
CA GLU B 366 8.35 41.73 13.88
C GLU B 366 8.08 40.74 12.75
N ASN B 367 8.07 39.46 13.10
CA ASN B 367 7.64 38.41 12.19
C ASN B 367 6.14 38.22 12.41
N LEU B 368 5.33 38.55 11.39
CA LEU B 368 3.88 38.42 11.51
C LEU B 368 3.43 37.14 10.81
N GLN B 369 2.39 36.53 11.35
CA GLN B 369 1.93 35.22 10.92
C GLN B 369 0.55 35.30 10.28
N PHE B 370 0.39 34.57 9.18
CA PHE B 370 -0.85 34.49 8.42
C PHE B 370 -1.23 33.01 8.26
N PHE B 371 -2.50 32.70 8.53
CA PHE B 371 -3.01 31.33 8.48
C PHE B 371 -3.82 31.14 7.21
N LEU B 372 -3.46 30.12 6.42
CA LEU B 372 -4.02 29.93 5.10
C LEU B 372 -5.33 29.15 5.18
N ASN B 373 -6.41 29.78 4.71
CA ASN B 373 -7.76 29.20 4.65
C ASN B 373 -8.17 28.63 6.00
N GLY B 374 -8.27 29.52 6.98
CA GLY B 374 -8.28 29.07 8.35
C GLY B 374 -7.64 30.14 9.23
N ASN B 375 -6.93 29.74 10.29
CA ASN B 375 -6.42 28.37 10.47
C ASN B 375 -5.59 28.29 11.72
N LYS B 376 -5.09 27.08 11.99
CA LYS B 376 -3.91 26.88 12.81
C LYS B 376 -2.97 25.94 12.05
N GLU B 377 -1.68 26.17 12.23
CA GLU B 377 -0.58 25.63 11.41
C GLU B 377 -0.87 25.92 9.93
N SER B 378 -0.35 25.08 9.03
CA SER B 378 -0.51 25.25 7.58
C SER B 378 -0.50 26.72 7.19
N ASN B 379 0.63 27.39 7.42
CA ASN B 379 0.63 28.86 7.47
C ASN B 379 1.97 29.40 6.97
N LEU B 380 2.08 30.74 6.94
CA LEU B 380 3.32 31.38 6.53
C LEU B 380 3.53 32.65 7.34
N SER B 381 4.78 33.09 7.42
CA SER B 381 5.14 34.23 8.25
C SER B 381 6.11 35.10 7.48
N THR B 382 6.03 36.42 7.70
CA THR B 382 6.92 37.30 6.98
C THR B 382 7.44 38.41 7.88
N THR B 383 8.68 38.81 7.58
CA THR B 383 9.27 40.00 8.18
C THR B 383 9.22 41.22 7.25
N SER B 384 8.72 41.06 6.03
CA SER B 384 8.87 42.15 5.06
C SER B 384 7.72 43.15 5.18
N PRO B 385 8.00 44.45 5.24
CA PRO B 385 6.91 45.42 5.16
C PRO B 385 6.05 45.26 3.92
N TYR B 386 6.68 44.97 2.78
CA TYR B 386 5.95 44.85 1.52
C TYR B 386 5.08 43.59 1.52
N MET B 387 5.65 42.46 1.93
CA MET B 387 4.85 41.23 1.96
C MET B 387 3.75 41.32 3.01
N LYS B 388 4.00 42.04 4.12
CA LYS B 388 2.94 42.28 5.07
C LYS B 388 1.81 43.09 4.44
N ALA B 389 2.14 44.16 3.71
CA ALA B 389 1.10 44.97 3.08
C ALA B 389 0.31 44.16 2.06
N ILE B 390 1.00 43.27 1.33
CA ILE B 390 0.34 42.39 0.34
C ILE B 390 -0.59 41.41 1.03
N LEU B 391 -0.10 40.72 2.08
CA LEU B 391 -0.91 39.71 2.73
C LEU B 391 -2.12 40.32 3.44
N TYR B 392 -1.92 41.48 4.08
CA TYR B 392 -3.07 42.17 4.67
C TYR B 392 -4.07 42.57 3.61
N THR B 393 -3.60 42.96 2.41
CA THR B 393 -4.57 43.27 1.35
C THR B 393 -5.32 42.03 0.87
N PHE B 394 -4.67 40.87 0.83
CA PHE B 394 -5.44 39.68 0.47
C PHE B 394 -6.44 39.32 1.56
N SER B 395 -6.11 39.58 2.83
CA SER B 395 -6.99 39.16 3.92
C SER B 395 -8.23 40.03 4.03
N GLU B 396 -8.26 41.19 3.38
CA GLU B 396 -9.45 42.02 3.32
C GLU B 396 -10.34 41.69 2.12
N ASN B 397 -9.82 40.90 1.18
CA ASN B 397 -10.49 40.54 -0.06
C ASN B 397 -10.84 39.05 -0.19
N LEU B 398 -10.96 38.30 0.91
CA LEU B 398 -11.11 36.86 0.82
C LEU B 398 -12.17 36.47 -0.23
N ASN B 399 -11.82 35.45 -1.02
CA ASN B 399 -12.68 34.88 -2.08
C ASN B 399 -13.25 35.94 -3.03
N ASN B 400 -12.52 37.04 -3.21
CA ASN B 400 -12.88 38.13 -4.11
C ASN B 400 -11.64 38.50 -4.91
N PRO B 401 -11.54 38.07 -6.16
CA PRO B 401 -10.27 38.20 -6.89
C PRO B 401 -9.87 39.65 -7.13
N LEU B 402 -8.56 39.87 -7.10
CA LEU B 402 -7.97 41.19 -7.33
C LEU B 402 -6.96 41.07 -8.46
N SER B 403 -6.94 42.07 -9.35
CA SER B 403 -5.89 42.12 -10.36
C SER B 403 -4.56 42.43 -9.70
N PHE B 404 -3.47 42.13 -10.42
CA PHE B 404 -2.14 42.55 -9.99
C PHE B 404 -2.12 44.02 -9.58
N LYS B 405 -2.70 44.88 -10.43
CA LYS B 405 -2.70 46.31 -10.14
C LYS B 405 -3.51 46.63 -8.89
N GLN B 406 -4.63 45.93 -8.69
CA GLN B 406 -5.47 46.22 -7.53
C GLN B 406 -4.77 45.83 -6.23
N VAL B 407 -4.24 44.60 -6.17
CA VAL B 407 -3.49 44.15 -4.99
C VAL B 407 -2.36 45.10 -4.67
N THR B 408 -1.51 45.40 -5.66
CA THR B 408 -0.33 46.19 -5.35
C THR B 408 -0.68 47.64 -5.02
N SER B 409 -1.73 48.21 -5.64
CA SER B 409 -2.07 49.60 -5.30
C SER B 409 -2.64 49.70 -3.90
N GLU B 410 -3.50 48.74 -3.53
CA GLU B 410 -4.08 48.74 -2.19
C GLU B 410 -3.03 48.47 -1.12
N ALA B 411 -2.05 47.62 -1.41
CA ALA B 411 -0.97 47.44 -0.43
C ALA B 411 -0.13 48.71 -0.32
N ASN B 412 0.10 49.37 -1.46
CA ASN B 412 0.86 50.61 -1.44
C ASN B 412 0.18 51.70 -0.61
N THR B 413 -1.17 51.73 -0.59
CA THR B 413 -1.79 52.74 0.27
C THR B 413 -1.57 52.42 1.75
N LYS B 414 -1.23 51.19 2.10
CA LYS B 414 -0.82 50.89 3.47
C LYS B 414 0.62 51.30 3.73
N LEU B 415 1.45 51.39 2.69
CA LEU B 415 2.83 51.88 2.82
C LEU B 415 2.99 53.38 2.55
N ASN B 416 1.90 54.15 2.59
CA ASN B 416 1.92 55.59 2.35
C ASN B 416 2.19 55.93 0.88
N ASN B 417 1.84 55.02 -0.03
CA ASN B 417 1.85 55.26 -1.48
C ASN B 417 3.26 55.41 -2.07
N THR B 418 4.30 55.28 -1.25
CA THR B 418 5.69 55.46 -1.63
C THR B 418 6.39 54.20 -2.16
N LYS B 419 5.81 53.01 -1.91
CA LYS B 419 6.48 51.72 -2.10
C LYS B 419 6.03 50.88 -3.31
N LEU B 420 5.32 51.45 -4.29
CA LEU B 420 4.71 50.60 -5.33
C LEU B 420 5.70 49.66 -6.00
N ASN B 421 6.91 50.15 -6.28
CA ASN B 421 7.94 49.34 -6.96
C ASN B 421 8.34 48.15 -6.12
N GLU B 422 8.68 48.40 -4.85
CA GLU B 422 9.10 47.32 -3.96
C GLU B 422 7.99 46.30 -3.75
N ILE B 423 6.75 46.77 -3.66
CA ILE B 423 5.61 45.88 -3.54
C ILE B 423 5.46 45.01 -4.79
N LYS B 424 5.54 45.63 -5.97
CA LYS B 424 5.42 44.86 -7.20
C LYS B 424 6.55 43.83 -7.30
N ASN B 425 7.75 44.22 -6.89
CA ASN B 425 8.87 43.29 -6.87
C ASN B 425 8.58 42.10 -5.94
N GLU B 426 8.10 42.38 -4.73
CA GLU B 426 7.83 41.29 -3.77
C GLU B 426 6.76 40.33 -4.27
N LEU B 427 5.67 40.87 -4.85
CA LEU B 427 4.62 40.00 -5.39
C LEU B 427 5.12 39.18 -6.57
N LEU B 428 5.80 39.83 -7.51
CA LEU B 428 6.39 39.14 -8.65
C LEU B 428 7.25 37.95 -8.22
N ASN B 429 8.11 38.15 -7.23
CA ASN B 429 9.09 37.11 -6.91
C ASN B 429 8.45 35.89 -6.28
N ASN B 430 7.21 36.00 -5.82
CA ASN B 430 6.57 35.04 -4.94
C ASN B 430 5.33 34.41 -5.58
N ALA B 431 4.41 35.24 -6.08
CA ALA B 431 3.07 34.84 -6.51
C ALA B 431 3.04 33.54 -7.29
N MET B 432 3.74 33.48 -8.42
CA MET B 432 3.65 32.30 -9.27
C MET B 432 4.15 31.04 -8.57
N LYS B 433 5.19 31.16 -7.73
CA LYS B 433 5.64 29.99 -6.99
C LYS B 433 4.53 29.45 -6.08
N LEU B 434 3.83 30.35 -5.39
CA LEU B 434 2.74 29.94 -4.52
C LEU B 434 1.52 29.45 -5.32
N VAL B 435 1.31 29.97 -6.52
CA VAL B 435 0.26 29.45 -7.38
C VAL B 435 0.57 28.01 -7.78
N LEU B 436 1.78 27.78 -8.30
CA LEU B 436 2.15 26.45 -8.74
C LEU B 436 2.19 25.47 -7.57
N GLN B 437 2.40 25.94 -6.34
CA GLN B 437 2.30 25.06 -5.19
C GLN B 437 0.87 24.93 -4.64
N GLY B 438 -0.09 25.70 -5.16
CA GLY B 438 -1.47 25.54 -4.75
C GLY B 438 -1.91 26.41 -3.60
N TYR B 439 -1.05 27.30 -3.11
CA TYR B 439 -1.45 28.18 -2.00
C TYR B 439 -2.26 29.38 -2.47
N ILE B 440 -2.00 29.88 -3.68
CA ILE B 440 -2.69 31.05 -4.22
C ILE B 440 -3.56 30.58 -5.38
N SER B 441 -4.76 31.14 -5.50
CA SER B 441 -5.62 30.87 -6.64
C SER B 441 -5.48 31.97 -7.68
N ILE B 442 -5.42 31.57 -8.95
CA ILE B 442 -5.56 32.49 -10.08
C ILE B 442 -6.92 32.24 -10.74
N THR B 443 -7.51 33.30 -11.29
CA THR B 443 -8.79 33.16 -11.97
C THR B 443 -8.91 34.23 -13.05
N ASN B 444 -9.59 33.90 -14.12
CA ASN B 444 -10.00 34.88 -15.11
C ASN B 444 -11.26 35.65 -14.72
N GLN B 445 -11.90 35.29 -13.60
CA GLN B 445 -13.04 36.05 -13.10
C GLN B 445 -12.60 37.38 -12.49
N LYS B 446 -13.44 38.39 -12.68
CA LYS B 446 -13.15 39.76 -12.28
C LYS B 446 -13.44 40.03 -10.81
N HIS B 447 -12.81 41.08 -10.30
CA HIS B 447 -13.16 41.61 -8.99
C HIS B 447 -14.65 41.93 -8.91
N ARG B 448 -15.27 41.56 -7.79
CA ARG B 448 -16.68 41.83 -7.54
C ARG B 448 -16.84 43.07 -6.69
N SER B 449 -17.87 43.86 -6.99
CA SER B 449 -18.19 45.03 -6.18
C SER B 449 -18.34 44.65 -4.72
N LYS B 450 -17.85 45.51 -3.84
CA LYS B 450 -18.01 45.28 -2.41
C LYS B 450 -19.48 45.16 -2.04
N PRO B 451 -19.90 44.07 -1.39
CA PRO B 451 -21.28 43.97 -0.94
C PRO B 451 -21.60 45.05 0.08
N VAL B 452 -22.84 45.52 0.06
CA VAL B 452 -23.32 46.50 1.02
C VAL B 452 -23.99 45.75 2.17
N LEU B 453 -23.48 45.96 3.38
CA LEU B 453 -23.90 45.16 4.53
C LEU B 453 -25.06 45.76 5.31
N ASP B 454 -25.56 46.95 4.96
CA ASP B 454 -26.73 47.50 5.64
C ASP B 454 -27.95 46.61 5.43
N LYS B 455 -28.19 46.23 4.18
CA LYS B 455 -29.27 45.33 3.82
C LYS B 455 -28.61 44.20 3.03
N PRO B 456 -28.05 43.22 3.72
CA PRO B 456 -27.27 42.18 3.02
C PRO B 456 -28.13 41.43 2.01
N LYS B 457 -27.53 41.13 0.86
CA LYS B 457 -28.24 40.57 -0.29
C LYS B 457 -27.45 39.38 -0.80
N THR B 458 -28.02 38.18 -0.71
CA THR B 458 -27.32 37.01 -1.21
C THR B 458 -27.74 36.77 -2.66
N THR B 459 -27.32 35.65 -3.24
CA THR B 459 -27.52 35.45 -4.66
C THR B 459 -28.84 34.73 -4.95
N GLN B 460 -29.18 34.66 -6.24
CA GLN B 460 -30.44 34.04 -6.64
C GLN B 460 -30.44 32.55 -6.31
N MET B 461 -29.36 31.86 -6.68
CA MET B 461 -29.21 30.46 -6.32
C MET B 461 -29.32 30.27 -4.81
N VAL B 462 -28.65 31.14 -4.03
CA VAL B 462 -28.57 30.91 -2.58
C VAL B 462 -29.92 31.18 -1.91
N ILE B 463 -30.57 32.30 -2.24
CA ILE B 463 -31.92 32.54 -1.71
C ILE B 463 -32.81 31.34 -2.01
N TYR B 464 -32.72 30.82 -3.25
CA TYR B 464 -33.57 29.70 -3.62
C TYR B 464 -33.26 28.47 -2.77
N GLN B 465 -31.98 28.15 -2.60
CA GLN B 465 -31.60 26.98 -1.82
C GLN B 465 -32.04 27.14 -0.36
N ALA B 466 -31.87 28.33 0.21
CA ALA B 466 -32.23 28.53 1.60
C ALA B 466 -33.75 28.44 1.80
N LYS B 467 -34.53 29.00 0.87
CA LYS B 467 -35.99 28.94 1.02
C LYS B 467 -36.53 27.54 0.76
N TYR B 468 -36.24 26.99 -0.41
CA TYR B 468 -36.93 25.80 -0.92
C TYR B 468 -36.15 24.49 -0.82
N THR B 469 -34.95 24.48 -0.22
CA THR B 469 -34.21 23.23 -0.30
C THR B 469 -33.93 22.65 1.08
N PRO B 470 -33.96 21.31 1.23
CA PRO B 470 -33.65 20.71 2.53
C PRO B 470 -32.18 20.70 2.89
N SER B 471 -31.28 20.76 1.90
CA SER B 471 -29.85 20.62 2.16
C SER B 471 -29.34 21.76 3.04
N MET B 472 -28.33 21.45 3.85
CA MET B 472 -27.71 22.33 4.83
C MET B 472 -26.51 23.09 4.26
N TRP B 473 -26.37 23.14 2.93
CA TRP B 473 -25.34 23.91 2.27
C TRP B 473 -25.96 24.72 1.13
N VAL B 474 -25.21 25.72 0.67
CA VAL B 474 -25.63 26.56 -0.45
C VAL B 474 -24.43 26.68 -1.39
N THR B 475 -24.69 27.13 -2.61
CA THR B 475 -23.64 27.25 -3.61
C THR B 475 -23.26 28.71 -3.76
N ASN B 476 -22.01 29.04 -3.39
CA ASN B 476 -21.56 30.42 -3.45
C ASN B 476 -21.23 30.80 -4.89
N LEU B 477 -20.86 32.07 -5.08
CA LEU B 477 -20.59 32.65 -6.38
C LEU B 477 -19.35 32.04 -7.06
N LYS B 478 -18.53 31.30 -6.32
CA LYS B 478 -17.39 30.59 -6.89
C LYS B 478 -17.73 29.13 -7.22
N HIS B 479 -18.99 28.73 -7.13
CA HIS B 479 -19.42 27.35 -7.41
C HIS B 479 -18.88 26.38 -6.36
N GLU B 480 -18.70 26.89 -5.11
CA GLU B 480 -18.28 26.10 -3.97
C GLU B 480 -19.47 25.81 -3.06
N PRO B 481 -19.67 24.56 -2.63
CA PRO B 481 -20.67 24.29 -1.59
C PRO B 481 -20.19 24.81 -0.24
N ILE B 482 -21.03 25.62 0.40
CA ILE B 482 -20.73 26.26 1.67
C ILE B 482 -21.72 25.71 2.68
N GLY B 483 -21.20 25.10 3.75
CA GLY B 483 -22.08 24.56 4.78
C GLY B 483 -22.67 25.66 5.65
N VAL B 484 -23.95 25.52 5.95
CA VAL B 484 -24.68 26.45 6.80
C VAL B 484 -25.40 25.67 7.88
N ASN B 485 -25.61 26.33 9.03
CA ASN B 485 -26.46 25.78 10.06
C ASN B 485 -27.88 26.26 9.85
N PHE B 486 -28.79 25.90 10.77
CA PHE B 486 -30.18 26.31 10.60
C PHE B 486 -30.34 27.83 10.71
N PHE B 487 -29.60 28.47 11.62
CA PHE B 487 -29.68 29.92 11.76
C PHE B 487 -29.24 30.63 10.49
N GLU B 488 -28.10 30.21 9.94
CA GLU B 488 -27.59 30.85 8.73
C GLU B 488 -28.54 30.62 7.56
N LYS B 489 -29.12 29.43 7.43
CA LYS B 489 -30.01 29.14 6.32
C LYS B 489 -31.29 29.99 6.40
N PHE B 490 -31.96 29.95 7.56
CA PHE B 490 -33.13 30.81 7.76
C PHE B 490 -32.78 32.27 7.51
N ALA B 491 -31.57 32.70 7.90
CA ALA B 491 -31.19 34.10 7.70
C ALA B 491 -30.96 34.42 6.24
N LEU B 492 -30.42 33.47 5.47
CA LEU B 492 -30.23 33.66 4.04
C LEU B 492 -31.57 33.79 3.33
N ARG B 493 -32.61 33.13 3.85
CA ARG B 493 -33.94 33.27 3.26
C ARG B 493 -34.36 34.73 3.17
N TYR B 494 -33.86 35.57 4.07
CA TYR B 494 -34.28 36.95 4.19
C TYR B 494 -33.31 37.98 3.64
N MET B 495 -32.22 37.58 2.98
CA MET B 495 -31.29 38.61 2.51
C MET B 495 -31.56 38.86 1.03
N ASP B 496 -32.50 39.77 0.77
CA ASP B 496 -32.85 40.24 -0.56
C ASP B 496 -32.34 41.63 -0.89
N GLY B 497 -31.57 42.25 0.01
CA GLY B 497 -31.19 43.64 -0.14
C GLY B 497 -32.20 44.63 0.36
N ARG B 498 -33.38 44.16 0.78
CA ARG B 498 -34.41 45.00 1.38
C ARG B 498 -34.27 45.04 2.91
N ASN B 499 -34.42 43.88 3.55
CA ASN B 499 -34.47 43.81 5.00
C ASN B 499 -33.15 44.23 5.62
N ASP B 500 -33.23 45.06 6.67
CA ASP B 500 -32.09 45.43 7.47
C ASP B 500 -31.83 44.36 8.53
N LYS B 501 -30.83 44.60 9.39
CA LYS B 501 -30.54 43.64 10.46
C LYS B 501 -31.76 43.38 11.33
N LYS B 502 -32.40 44.45 11.82
CA LYS B 502 -33.57 44.27 12.67
C LYS B 502 -34.65 43.46 11.96
N ALA B 503 -34.85 43.73 10.67
CA ALA B 503 -35.89 43.01 9.93
C ALA B 503 -35.55 41.53 9.79
N ILE B 504 -34.30 41.20 9.44
CA ILE B 504 -33.91 39.80 9.32
C ILE B 504 -34.04 39.10 10.66
N ILE B 505 -33.57 39.74 11.73
CA ILE B 505 -33.65 39.13 13.05
C ILE B 505 -35.10 38.88 13.45
N GLU B 506 -36.00 39.78 13.05
CA GLU B 506 -37.42 39.59 13.38
C GLU B 506 -38.01 38.45 12.56
N ALA B 507 -37.69 38.38 11.27
CA ALA B 507 -38.18 37.29 10.44
C ALA B 507 -37.72 35.94 10.98
N ILE B 508 -36.46 35.85 11.41
CA ILE B 508 -35.98 34.64 12.07
C ILE B 508 -36.73 34.42 13.38
N LEU B 509 -37.11 35.50 14.06
CA LEU B 509 -37.89 35.36 15.28
C LEU B 509 -39.23 34.69 15.00
N GLY B 510 -39.82 34.94 13.84
CA GLY B 510 -40.99 34.17 13.45
C GLY B 510 -40.70 32.67 13.43
N HIS B 511 -39.48 32.29 13.08
CA HIS B 511 -39.12 30.87 12.95
C HIS B 511 -38.77 30.21 14.28
N VAL B 512 -38.11 30.92 15.20
CA VAL B 512 -37.65 30.25 16.42
C VAL B 512 -38.84 29.76 17.24
N GLU B 513 -39.83 30.62 17.45
CA GLU B 513 -40.91 30.29 18.36
C GLU B 513 -41.70 29.09 17.88
N LYS B 514 -42.06 29.05 16.60
CA LYS B 514 -42.55 27.82 16.00
C LYS B 514 -41.41 27.21 15.20
N GLY B 515 -40.72 26.24 15.79
CA GLY B 515 -39.57 25.63 15.14
C GLY B 515 -39.95 24.49 14.21
N GLU B 516 -39.34 24.33 13.04
CA GLU B 516 -38.30 25.18 12.42
C GLU B 516 -37.02 25.35 13.23
N LEU B 517 -36.71 26.56 13.67
CA LEU B 517 -35.42 26.86 14.27
C LEU B 517 -35.47 26.78 15.80
N THR B 518 -34.43 26.18 16.38
CA THR B 518 -34.21 26.14 17.82
C THR B 518 -32.75 26.43 18.08
N LEU B 519 -32.46 27.52 18.82
CA LEU B 519 -31.11 27.98 19.05
C LEU B 519 -30.55 27.42 20.36
N SER B 520 -29.35 26.83 20.28
CA SER B 520 -28.72 26.23 21.45
C SER B 520 -28.09 27.29 22.36
N LYS B 529 -36.84 35.27 26.70
CA LYS B 529 -36.72 35.81 25.36
C LYS B 529 -35.49 36.71 25.18
N GLU B 530 -35.12 37.46 26.22
CA GLU B 530 -33.99 38.39 26.11
C GLU B 530 -32.69 37.65 25.76
N GLU B 531 -32.46 36.51 26.42
CA GLU B 531 -31.31 35.69 26.07
C GLU B 531 -31.36 35.28 24.61
N ILE B 532 -32.56 34.97 24.10
CA ILE B 532 -32.71 34.67 22.68
C ILE B 532 -32.42 35.92 21.85
N ARG B 533 -32.80 37.10 22.36
CA ARG B 533 -32.55 38.34 21.64
C ARG B 533 -31.06 38.53 21.39
N LYS B 534 -30.27 38.69 22.45
CA LYS B 534 -28.88 39.02 22.20
C LYS B 534 -28.03 37.80 21.87
N GLU B 535 -28.54 36.59 22.12
CA GLU B 535 -27.93 35.42 21.47
C GLU B 535 -28.07 35.51 19.96
N LEU B 536 -29.22 35.99 19.48
CA LEU B 536 -29.44 36.11 18.05
C LEU B 536 -28.61 37.25 17.45
N GLU B 537 -28.44 38.35 18.17
CA GLU B 537 -27.64 39.44 17.59
C GLU B 537 -26.14 39.20 17.74
N SER B 538 -25.72 38.43 18.74
CA SER B 538 -24.31 38.04 18.77
C SER B 538 -23.97 37.13 17.59
N LEU B 539 -24.94 36.34 17.12
CA LEU B 539 -24.72 35.50 15.94
C LEU B 539 -24.75 36.30 14.65
N PHE B 540 -25.12 37.58 14.67
CA PHE B 540 -25.39 38.28 13.43
C PHE B 540 -24.10 38.73 12.74
N THR B 541 -23.34 39.60 13.39
CA THR B 541 -22.14 40.12 12.74
C THR B 541 -21.14 39.04 12.31
N PRO B 542 -20.87 37.97 13.08
CA PRO B 542 -20.00 36.91 12.53
C PRO B 542 -20.62 36.19 11.36
N MET B 543 -21.94 36.02 11.34
CA MET B 543 -22.58 35.45 10.16
C MET B 543 -22.37 36.33 8.94
N ILE B 544 -22.54 37.65 9.10
CA ILE B 544 -22.33 38.55 7.98
C ILE B 544 -20.90 38.46 7.49
N GLU B 545 -19.94 38.40 8.41
CA GLU B 545 -18.54 38.25 8.00
C GLU B 545 -18.33 36.95 7.23
N LYS B 546 -18.89 35.85 7.71
CA LYS B 546 -18.70 34.57 7.03
C LYS B 546 -19.30 34.63 5.62
N PHE B 547 -20.50 35.18 5.48
CA PHE B 547 -21.13 35.30 4.18
C PHE B 547 -20.33 36.20 3.25
N CYS B 548 -19.86 37.33 3.77
CA CYS B 548 -19.15 38.30 2.94
C CYS B 548 -17.80 37.77 2.47
N SER B 549 -17.14 36.96 3.29
CA SER B 549 -15.83 36.45 2.90
C SER B 549 -15.91 35.09 2.19
N ASN B 550 -17.07 34.46 2.16
CA ASN B 550 -17.29 33.24 1.40
C ASN B 550 -18.07 33.45 0.09
N ALA B 551 -18.13 34.67 -0.41
CA ALA B 551 -18.69 34.95 -1.74
C ALA B 551 -20.17 34.60 -1.79
N LEU B 552 -20.86 34.76 -0.66
CA LEU B 552 -22.31 34.56 -0.58
C LEU B 552 -23.08 35.86 -0.64
N LEU B 553 -22.41 37.01 -0.72
CA LEU B 553 -23.06 38.30 -0.74
C LEU B 553 -22.80 39.02 -2.07
N VAL B 554 -23.81 39.75 -2.53
CA VAL B 554 -23.75 40.48 -3.79
C VAL B 554 -23.76 41.98 -3.48
N SAH C . 10.03 -24.50 -7.12
CA SAH C . 11.15 -23.80 -7.73
CB SAH C . 10.77 -23.14 -9.04
CG SAH C . 9.76 -21.99 -8.98
SD SAH C . 9.78 -21.07 -10.56
C SAH C . 11.78 -22.74 -6.81
O SAH C . 11.10 -22.13 -5.97
OXT SAH C . 12.99 -22.48 -6.89
C5' SAH C . 8.44 -21.99 -11.35
C4' SAH C . 8.90 -23.35 -11.90
O4' SAH C . 7.74 -24.02 -12.35
C3' SAH C . 9.83 -23.24 -13.10
O3' SAH C . 10.92 -24.10 -12.85
C2' SAH C . 9.00 -23.74 -14.28
O2' SAH C . 9.76 -24.45 -15.24
C1' SAH C . 7.98 -24.64 -13.60
N9 SAH C . 6.72 -24.77 -14.33
C8 SAH C . 5.92 -23.74 -14.81
N7 SAH C . 4.86 -24.33 -15.44
C5 SAH C . 4.98 -25.67 -15.37
C6 SAH C . 4.20 -26.73 -15.82
N6 SAH C . 3.06 -26.53 -16.49
N1 SAH C . 4.61 -28.02 -15.57
C2 SAH C . 5.78 -28.27 -14.90
N3 SAH C . 6.54 -27.23 -14.45
C4 SAH C . 6.15 -25.95 -14.68
N SAH D . -21.51 13.99 -11.91
CA SAH D . -22.40 13.54 -10.84
CB SAH D . -22.83 12.08 -11.05
CG SAH D . -21.72 11.03 -10.98
SD SAH D . -22.36 9.36 -10.66
C SAH D . -21.81 13.71 -9.45
O SAH D . -22.53 13.88 -8.48
OXT SAH D . -20.59 13.68 -9.25
C5' SAH D . -22.34 8.89 -12.41
C4' SAH D . -23.55 9.43 -13.17
O4' SAH D . -23.47 9.02 -14.50
C3' SAH D . -24.90 8.95 -12.64
O3' SAH D . -25.73 10.08 -12.48
C2' SAH D . -25.45 8.07 -13.75
O2' SAH D . -26.87 8.14 -13.83
C1' SAH D . -24.76 8.66 -14.97
N9 SAH D . -24.54 7.73 -16.06
C8 SAH D . -24.00 6.47 -15.99
N7 SAH D . -23.97 5.97 -17.25
C5 SAH D . -24.47 6.89 -18.10
C6 SAH D . -24.68 6.92 -19.46
N6 SAH D . -24.36 5.88 -20.25
N1 SAH D . -25.21 8.04 -20.04
C2 SAH D . -25.56 9.12 -19.28
N3 SAH D . -25.37 9.10 -17.92
C4 SAH D . -24.83 8.01 -17.35
#